data_3N1C
#
_entry.id   3N1C
#
_cell.length_a   68.793
_cell.length_b   153.605
_cell.length_c   223.790
_cell.angle_alpha   90.00
_cell.angle_beta   90.00
_cell.angle_gamma   90.00
#
_symmetry.space_group_name_H-M   'C 2 2 21'
#
loop_
_entity.id
_entity.type
_entity.pdbx_description
1 polymer '6-phosphofructokinase isozyme 2'
2 non-polymer 6-O-phosphono-beta-D-fructofuranose
3 water water
#
_entity_poly.entity_id   1
_entity_poly.type   'polypeptide(L)'
_entity_poly.pdbx_seq_one_letter_code
;MVRIYTLTLAPSLDSATITPQIYPEGKLRCTAPVFEPGGGGINVARAIAHLGGSATAIFPAGGATGEHLVSLLADENVPV
ATVEAKDWTRQNLHVHVEASGEQYRFVMPGAALNEDEFRQLEEQVLEIESGAILVISGSLPPGVKLEKLTQLISAAQKQG
IRCIVDSSGEALSAALAIGNIELVKPNQKELSALVNRELTQPDDVRKAAQEIVNSGKAKRVVVSLGPQGALGVDSENCIQ
VVPPPVKSQSTVGAGDSMVGAMTLKLAENASLEEMVRFGVAAGSAATLNQGTRLCSHDDTQKIYAYLSR
;
_entity_poly.pdbx_strand_id   A,B,C,D
#
loop_
_chem_comp.id
_chem_comp.type
_chem_comp.name
_chem_comp.formula
F6P D-saccharide, beta linking 6-O-phosphono-beta-D-fructofuranose 'C6 H13 O9 P'
#
# COMPACT_ATOMS: atom_id res chain seq x y z
N MET A 1 32.34 -29.51 -23.79
CA MET A 1 31.15 -29.23 -23.02
C MET A 1 30.46 -30.52 -22.61
N VAL A 2 30.08 -30.57 -21.37
CA VAL A 2 29.36 -31.71 -20.84
C VAL A 2 27.88 -31.41 -21.08
N ARG A 3 27.06 -32.45 -21.10
CA ARG A 3 25.63 -32.25 -21.35
C ARG A 3 24.96 -31.63 -20.14
N ILE A 4 23.87 -30.91 -20.40
CA ILE A 4 23.13 -30.22 -19.34
C ILE A 4 21.68 -30.68 -19.31
N TYR A 5 21.20 -30.98 -18.10
CA TYR A 5 19.80 -31.30 -17.88
C TYR A 5 19.31 -30.45 -16.72
N THR A 6 18.01 -30.20 -16.69
CA THR A 6 17.38 -29.55 -15.55
C THR A 6 16.21 -30.39 -15.08
N LEU A 7 15.82 -30.20 -13.82
CA LEU A 7 14.70 -30.91 -13.23
C LEU A 7 13.77 -29.92 -12.55
N THR A 8 12.49 -29.97 -12.89
CA THR A 8 11.50 -29.10 -12.29
C THR A 8 10.37 -29.95 -11.74
N LEU A 9 10.41 -30.20 -10.43
CA LEU A 9 9.39 -31.03 -9.80
C LEU A 9 8.05 -30.33 -9.72
N ALA A 10 8.07 -28.99 -9.81
CA ALA A 10 6.86 -28.19 -9.80
C ALA A 10 6.83 -27.21 -10.99
N PRO A 11 6.52 -27.70 -12.18
CA PRO A 11 6.46 -26.79 -13.33
C PRO A 11 5.25 -25.86 -13.20
N SER A 12 5.19 -24.85 -14.05
CA SER A 12 4.06 -23.94 -14.05
C SER A 12 3.76 -23.49 -15.46
N LEU A 13 2.47 -23.42 -15.78
CA LEU A 13 2.02 -22.70 -16.95
C LEU A 13 1.79 -21.27 -16.50
N ASP A 14 2.69 -20.37 -16.88
CA ASP A 14 2.62 -18.98 -16.43
C ASP A 14 1.66 -18.15 -17.29
N SER A 15 0.60 -17.64 -16.67
CA SER A 15 -0.31 -16.74 -17.38
C SER A 15 0.03 -15.30 -17.00
N ALA A 16 -0.06 -14.39 -17.98
CA ALA A 16 0.23 -12.98 -17.74
C ALA A 16 -0.91 -12.11 -18.29
N THR A 17 -1.28 -11.07 -17.55
CA THR A 17 -2.37 -10.20 -17.95
C THR A 17 -2.09 -8.74 -17.58
N ILE A 18 -2.86 -7.84 -18.16
CA ILE A 18 -2.70 -6.42 -17.92
C ILE A 18 -4.00 -5.83 -17.41
N THR A 19 -3.89 -4.95 -16.42
CA THR A 19 -5.05 -4.27 -15.88
C THR A 19 -4.64 -2.84 -15.51
N PRO A 20 -5.53 -1.87 -15.72
CA PRO A 20 -5.16 -0.46 -15.49
C PRO A 20 -4.85 -0.13 -14.02
N GLN A 21 -5.67 -0.63 -13.10
CA GLN A 21 -5.54 -0.24 -11.69
C GLN A 21 -5.49 -1.47 -10.78
N ILE A 22 -4.91 -1.31 -9.59
CA ILE A 22 -5.01 -2.33 -8.56
C ILE A 22 -5.49 -1.77 -7.21
N TYR A 23 -6.60 -2.33 -6.73
CA TYR A 23 -7.19 -1.95 -5.46
C TYR A 23 -8.12 -3.07 -5.02
N PRO A 24 -8.40 -3.15 -3.71
CA PRO A 24 -9.22 -4.23 -3.15
C PRO A 24 -10.69 -4.17 -3.55
N GLU A 25 -11.37 -5.30 -3.45
CA GLU A 25 -12.82 -5.37 -3.58
C GLU A 25 -13.37 -5.24 -5.00
N GLY A 26 -12.93 -4.23 -5.73
CA GLY A 26 -13.49 -3.95 -7.04
C GLY A 26 -13.08 -4.97 -8.09
N LYS A 27 -13.91 -5.12 -9.12
CA LYS A 27 -13.57 -6.00 -10.23
C LYS A 27 -12.50 -5.38 -11.10
N LEU A 28 -11.31 -5.96 -11.06
CA LEU A 28 -10.19 -5.48 -11.85
C LEU A 28 -10.23 -6.10 -13.24
N ARG A 29 -10.56 -5.27 -14.24
CA ARG A 29 -10.69 -5.73 -15.62
C ARG A 29 -9.35 -6.09 -16.22
N CYS A 30 -9.13 -7.39 -16.46
CA CYS A 30 -7.86 -7.86 -17.01
C CYS A 30 -8.00 -8.31 -18.45
N THR A 31 -6.89 -8.25 -19.19
CA THR A 31 -6.88 -8.66 -20.58
C THR A 31 -6.77 -10.18 -20.70
N ALA A 32 -7.15 -10.71 -21.86
CA ALA A 32 -7.01 -12.13 -22.13
C ALA A 32 -5.57 -12.56 -21.89
N PRO A 33 -5.37 -13.52 -20.98
CA PRO A 33 -4.03 -13.92 -20.56
C PRO A 33 -3.11 -14.33 -21.71
N VAL A 34 -1.83 -13.99 -21.59
CA VAL A 34 -0.80 -14.51 -22.46
C VAL A 34 -0.05 -15.56 -21.64
N PHE A 35 0.56 -16.54 -22.30
CA PHE A 35 1.14 -17.67 -21.60
C PHE A 35 2.61 -17.86 -21.93
N GLU A 36 3.37 -18.40 -20.98
CA GLU A 36 4.75 -18.81 -21.21
C GLU A 36 5.14 -19.96 -20.28
N PRO A 37 6.18 -20.73 -20.65
CA PRO A 37 6.61 -21.86 -19.83
C PRO A 37 7.13 -21.35 -18.50
N GLY A 38 6.94 -22.11 -17.43
CA GLY A 38 7.36 -21.65 -16.11
C GLY A 38 7.84 -22.75 -15.19
N GLY A 39 8.49 -22.35 -14.09
CA GLY A 39 9.11 -23.30 -13.19
C GLY A 39 10.61 -23.12 -13.24
N GLY A 40 11.28 -23.31 -12.10
CA GLY A 40 12.69 -23.00 -11.98
C GLY A 40 13.57 -23.64 -13.04
N GLY A 41 13.60 -24.96 -13.07
CA GLY A 41 14.47 -25.69 -13.96
C GLY A 41 14.15 -25.44 -15.42
N ILE A 42 12.87 -25.26 -15.71
CA ILE A 42 12.41 -24.97 -17.06
C ILE A 42 12.94 -23.62 -17.54
N ASN A 43 12.83 -22.60 -16.69
CA ASN A 43 13.39 -21.30 -17.02
C ASN A 43 14.91 -21.35 -17.17
N VAL A 44 15.55 -22.18 -16.38
CA VAL A 44 17.00 -22.39 -16.50
C VAL A 44 17.36 -22.95 -17.87
N ALA A 45 16.61 -23.93 -18.33
CA ALA A 45 16.84 -24.51 -19.64
C ALA A 45 16.57 -23.50 -20.75
N ARG A 46 15.56 -22.66 -20.53
CA ARG A 46 15.20 -21.62 -21.51
C ARG A 46 16.30 -20.57 -21.62
N ALA A 47 16.85 -20.15 -20.48
CA ALA A 47 17.94 -19.18 -20.47
C ALA A 47 19.16 -19.77 -21.17
N ILE A 48 19.45 -21.03 -20.86
CA ILE A 48 20.59 -21.71 -21.45
C ILE A 48 20.49 -21.74 -22.98
N ALA A 49 19.31 -22.03 -23.50
CA ALA A 49 19.06 -21.98 -24.95
C ALA A 49 19.31 -20.58 -25.51
N HIS A 50 18.84 -19.55 -24.81
CA HIS A 50 19.07 -18.20 -25.29
C HIS A 50 20.57 -17.90 -25.36
N LEU A 51 21.31 -18.49 -24.45
CA LEU A 51 22.73 -18.22 -24.35
C LEU A 51 23.56 -19.05 -25.33
N GLY A 52 22.89 -19.90 -26.09
CA GLY A 52 23.54 -20.65 -27.15
C GLY A 52 23.90 -22.08 -26.78
N GLY A 53 23.50 -22.50 -25.59
CA GLY A 53 23.80 -23.85 -25.14
C GLY A 53 22.60 -24.73 -25.34
N SER A 54 22.66 -25.95 -24.83
CA SER A 54 21.54 -26.87 -24.93
C SER A 54 21.32 -27.60 -23.60
N ALA A 55 20.10 -27.47 -23.08
CA ALA A 55 19.74 -28.11 -21.82
C ALA A 55 18.37 -28.74 -21.98
N THR A 56 18.29 -30.01 -21.58
CA THR A 56 17.04 -30.75 -21.64
C THR A 56 16.26 -30.59 -20.33
N ALA A 57 15.03 -30.10 -20.42
CA ALA A 57 14.18 -29.92 -19.25
C ALA A 57 13.39 -31.17 -18.92
N ILE A 58 13.67 -31.76 -17.76
CA ILE A 58 12.93 -32.92 -17.26
C ILE A 58 11.86 -32.48 -16.29
N PHE A 59 10.61 -32.83 -16.56
CA PHE A 59 9.50 -32.38 -15.72
C PHE A 59 8.19 -33.13 -15.94
N PRO A 60 7.32 -33.12 -14.91
CA PRO A 60 5.97 -33.69 -15.00
C PRO A 60 5.04 -32.73 -15.73
N ALA A 61 4.07 -33.26 -16.48
CA ALA A 61 3.07 -32.43 -17.12
C ALA A 61 1.70 -33.09 -17.01
N GLY A 62 0.71 -32.35 -16.53
CA GLY A 62 -0.62 -32.92 -16.35
C GLY A 62 -1.73 -32.07 -16.92
N GLY A 63 -2.77 -32.73 -17.45
CA GLY A 63 -3.94 -32.04 -17.95
C GLY A 63 -3.65 -31.12 -19.13
N ALA A 64 -4.66 -30.38 -19.55
CA ALA A 64 -4.52 -29.47 -20.68
C ALA A 64 -3.47 -28.40 -20.42
N THR A 65 -3.33 -28.00 -19.17
CA THR A 65 -2.32 -27.00 -18.81
C THR A 65 -0.92 -27.57 -19.04
N GLY A 66 -0.74 -28.83 -18.67
CA GLY A 66 0.52 -29.51 -18.92
C GLY A 66 0.84 -29.55 -20.40
N GLU A 67 -0.18 -29.88 -21.21
CA GLU A 67 -0.04 -29.90 -22.66
C GLU A 67 0.31 -28.52 -23.20
N HIS A 68 -0.32 -27.49 -22.65
CA HIS A 68 -0.06 -26.11 -23.04
C HIS A 68 1.41 -25.74 -22.74
N LEU A 69 1.88 -26.15 -21.57
CA LEU A 69 3.27 -25.89 -21.15
C LEU A 69 4.25 -26.58 -22.10
N VAL A 70 4.00 -27.84 -22.40
CA VAL A 70 4.86 -28.59 -23.33
C VAL A 70 4.87 -27.94 -24.71
N SER A 71 3.70 -27.57 -25.21
CA SER A 71 3.59 -26.92 -26.51
C SER A 71 4.40 -25.63 -26.60
N LEU A 72 4.38 -24.85 -25.55
CA LEU A 72 5.12 -23.58 -25.50
C LEU A 72 6.63 -23.81 -25.52
N LEU A 73 7.09 -24.88 -24.89
CA LEU A 73 8.50 -25.17 -24.88
C LEU A 73 8.91 -25.66 -26.28
N ALA A 74 7.99 -26.35 -26.95
CA ALA A 74 8.22 -26.76 -28.33
C ALA A 74 8.36 -25.54 -29.24
N ASP A 75 7.53 -24.53 -28.99
CA ASP A 75 7.55 -23.31 -29.78
C ASP A 75 8.88 -22.57 -29.62
N GLU A 76 9.54 -22.76 -28.48
CA GLU A 76 10.83 -22.13 -28.21
C GLU A 76 12.00 -23.03 -28.59
N ASN A 77 11.68 -24.21 -29.11
CA ASN A 77 12.71 -25.17 -29.52
C ASN A 77 13.62 -25.62 -28.38
N VAL A 78 13.03 -25.77 -27.20
CA VAL A 78 13.74 -26.24 -26.01
C VAL A 78 13.49 -27.73 -25.82
N PRO A 79 14.57 -28.52 -25.71
CA PRO A 79 14.42 -29.97 -25.58
C PRO A 79 13.84 -30.32 -24.21
N VAL A 80 12.91 -31.27 -24.18
CA VAL A 80 12.29 -31.68 -22.93
C VAL A 80 12.18 -33.19 -22.83
N ALA A 81 12.00 -33.66 -21.60
CA ALA A 81 11.71 -35.06 -21.33
C ALA A 81 10.66 -35.04 -20.24
N THR A 82 9.43 -35.38 -20.61
CA THR A 82 8.29 -35.20 -19.71
C THR A 82 7.77 -36.52 -19.18
N VAL A 83 7.10 -36.42 -18.04
CA VAL A 83 6.36 -37.53 -17.46
C VAL A 83 4.90 -37.13 -17.35
N GLU A 84 4.01 -37.96 -17.87
CA GLU A 84 2.58 -37.70 -17.80
C GLU A 84 2.06 -37.81 -16.36
N ALA A 85 1.51 -36.72 -15.85
CA ALA A 85 1.00 -36.69 -14.48
C ALA A 85 -0.51 -36.53 -14.46
N LYS A 86 -1.15 -37.16 -13.47
CA LYS A 86 -2.60 -37.09 -13.24
C LYS A 86 -3.17 -35.74 -12.77
N ASP A 87 -2.49 -35.11 -11.81
CA ASP A 87 -2.88 -33.79 -11.32
C ASP A 87 -2.44 -32.71 -12.32
N TRP A 88 -3.35 -31.77 -12.63
CA TRP A 88 -3.10 -30.76 -13.65
C TRP A 88 -2.01 -29.76 -13.28
N THR A 89 -1.13 -29.48 -14.24
CA THR A 89 -0.07 -28.50 -14.05
C THR A 89 -0.62 -27.17 -13.54
N ARG A 90 0.00 -26.63 -12.50
CA ARG A 90 -0.45 -25.36 -11.92
C ARG A 90 -0.36 -24.21 -12.93
N GLN A 91 -1.19 -23.21 -12.71
CA GLN A 91 -1.20 -22.02 -13.54
C GLN A 91 -1.03 -20.79 -12.66
N ASN A 92 0.14 -20.16 -12.75
CA ASN A 92 0.41 -18.96 -11.95
C ASN A 92 -0.03 -17.71 -12.69
N LEU A 93 -0.28 -16.64 -11.96
CA LEU A 93 -0.78 -15.42 -12.58
C LEU A 93 0.18 -14.25 -12.37
N HIS A 94 0.57 -13.63 -13.48
CA HIS A 94 1.40 -12.43 -13.45
C HIS A 94 0.54 -11.26 -13.88
N VAL A 95 0.45 -10.24 -13.02
CA VAL A 95 -0.39 -9.08 -13.33
C VAL A 95 0.41 -7.79 -13.44
N HIS A 96 0.30 -7.13 -14.59
CA HIS A 96 0.96 -5.84 -14.80
C HIS A 96 -0.03 -4.70 -14.69
N VAL A 97 0.24 -3.75 -13.80
CA VAL A 97 -0.67 -2.62 -13.59
C VAL A 97 -0.22 -1.38 -14.35
N GLU A 98 -1.10 -0.86 -15.20
CA GLU A 98 -0.76 0.26 -16.08
C GLU A 98 -0.61 1.61 -15.37
N ALA A 99 -1.50 1.89 -14.42
CA ALA A 99 -1.43 3.14 -13.68
C ALA A 99 -0.03 3.36 -13.06
N SER A 100 0.54 2.29 -12.51
CA SER A 100 1.79 2.34 -11.75
C SER A 100 3.03 1.70 -12.35
N GLY A 101 2.84 0.84 -13.33
CA GLY A 101 3.90 0.11 -13.97
C GLY A 101 4.36 -1.11 -13.20
N GLU A 102 3.75 -1.35 -12.06
CA GLU A 102 4.06 -2.45 -11.18
C GLU A 102 3.59 -3.81 -11.64
N GLN A 103 4.24 -4.85 -11.17
CA GLN A 103 3.81 -6.20 -11.46
C GLN A 103 3.60 -7.06 -10.23
N TYR A 104 2.57 -7.87 -10.28
CA TYR A 104 2.20 -8.74 -9.17
C TYR A 104 2.24 -10.21 -9.58
N ARG A 105 2.79 -11.04 -8.71
CA ARG A 105 3.05 -12.43 -9.06
C ARG A 105 2.39 -13.39 -8.08
N PHE A 106 1.36 -14.08 -8.56
CA PHE A 106 0.62 -15.01 -7.73
C PHE A 106 1.03 -16.45 -8.04
N VAL A 107 1.70 -17.06 -7.08
CA VAL A 107 2.36 -18.33 -7.28
C VAL A 107 1.65 -19.42 -6.49
N MET A 108 1.02 -20.29 -7.33
CA MET A 108 0.17 -21.32 -6.76
C MET A 108 1.01 -22.50 -6.25
N PRO A 109 0.61 -23.52 -5.49
CA PRO A 109 1.41 -24.72 -5.20
C PRO A 109 1.58 -25.57 -6.45
N GLY A 110 2.72 -26.25 -6.59
CA GLY A 110 2.91 -27.18 -7.69
C GLY A 110 1.90 -28.32 -7.64
N ALA A 111 1.53 -28.86 -8.80
CA ALA A 111 0.66 -30.03 -8.85
C ALA A 111 1.30 -31.20 -8.13
N ALA A 112 0.49 -32.04 -7.51
CA ALA A 112 1.00 -33.19 -6.78
C ALA A 112 1.55 -34.25 -7.73
N LEU A 113 2.44 -35.09 -7.21
CA LEU A 113 2.95 -36.25 -7.94
C LEU A 113 2.65 -37.52 -7.15
N ASN A 114 2.26 -38.59 -7.84
CA ASN A 114 2.08 -39.88 -7.18
C ASN A 114 3.36 -40.72 -7.19
N GLU A 115 3.29 -41.93 -6.67
CA GLU A 115 4.48 -42.78 -6.58
C GLU A 115 5.06 -43.06 -7.94
N ASP A 116 4.19 -43.42 -8.88
CA ASP A 116 4.63 -43.86 -10.21
C ASP A 116 5.28 -42.71 -10.98
N GLU A 117 4.66 -41.54 -10.90
CA GLU A 117 5.13 -40.37 -11.62
C GLU A 117 6.51 -39.95 -11.12
N PHE A 118 6.68 -39.94 -9.81
CA PHE A 118 7.97 -39.59 -9.23
C PHE A 118 9.04 -40.61 -9.61
N ARG A 119 8.66 -41.88 -9.68
CA ARG A 119 9.58 -42.94 -10.05
C ARG A 119 10.05 -42.75 -11.48
N GLN A 120 9.13 -42.37 -12.36
CA GLN A 120 9.46 -42.10 -13.75
C GLN A 120 10.40 -40.90 -13.89
N LEU A 121 10.17 -39.88 -13.06
CA LEU A 121 11.04 -38.71 -13.08
C LEU A 121 12.45 -39.11 -12.65
N GLU A 122 12.54 -39.88 -11.57
CA GLU A 122 13.84 -40.34 -11.09
C GLU A 122 14.55 -41.18 -12.16
N GLU A 123 13.78 -42.03 -12.83
CA GLU A 123 14.36 -42.87 -13.88
C GLU A 123 14.97 -42.02 -15.00
N GLN A 124 14.26 -40.96 -15.37
CA GLN A 124 14.78 -40.03 -16.37
C GLN A 124 16.09 -39.44 -15.91
N VAL A 125 16.15 -39.03 -14.66
CA VAL A 125 17.36 -38.43 -14.10
C VAL A 125 18.51 -39.42 -14.14
N LEU A 126 18.25 -40.65 -13.71
CA LEU A 126 19.32 -41.64 -13.61
C LEU A 126 19.70 -42.25 -14.96
N GLU A 127 19.12 -41.72 -16.04
CA GLU A 127 19.55 -42.07 -17.39
C GLU A 127 20.56 -41.04 -17.89
N ILE A 128 20.72 -39.98 -17.13
CA ILE A 128 21.74 -38.97 -17.41
C ILE A 128 23.12 -39.60 -17.29
N GLU A 129 24.01 -39.25 -18.20
CA GLU A 129 25.34 -39.84 -18.26
C GLU A 129 26.30 -39.25 -17.23
N SER A 130 27.28 -40.05 -16.81
CA SER A 130 28.27 -39.62 -15.83
C SER A 130 29.06 -38.42 -16.34
N GLY A 131 29.28 -37.45 -15.47
CA GLY A 131 30.00 -36.26 -15.85
C GLY A 131 29.07 -35.14 -16.31
N ALA A 132 27.82 -35.49 -16.62
CA ALA A 132 26.86 -34.48 -17.05
C ALA A 132 26.39 -33.64 -15.87
N ILE A 133 25.79 -32.50 -16.16
CA ILE A 133 25.32 -31.61 -15.11
C ILE A 133 23.79 -31.62 -15.02
N LEU A 134 23.29 -31.73 -13.79
CA LEU A 134 21.85 -31.65 -13.53
C LEU A 134 21.53 -30.48 -12.62
N VAL A 135 20.67 -29.59 -13.09
CA VAL A 135 20.20 -28.47 -12.29
C VAL A 135 18.80 -28.76 -11.75
N ILE A 136 18.70 -28.96 -10.45
CA ILE A 136 17.40 -29.13 -9.82
C ILE A 136 16.95 -27.76 -9.29
N SER A 137 15.91 -27.19 -9.89
CA SER A 137 15.53 -25.83 -9.56
C SER A 137 14.03 -25.63 -9.41
N GLY A 138 13.61 -24.88 -8.39
CA GLY A 138 12.22 -24.57 -8.18
C GLY A 138 11.67 -25.14 -6.88
N SER A 139 10.42 -24.82 -6.58
CA SER A 139 9.79 -25.32 -5.35
C SER A 139 9.50 -26.82 -5.41
N LEU A 140 9.25 -27.41 -4.26
CA LEU A 140 8.81 -28.80 -4.17
C LEU A 140 7.29 -28.87 -4.13
N PRO A 141 6.70 -29.78 -4.91
CA PRO A 141 5.25 -29.97 -4.86
C PRO A 141 4.84 -30.49 -3.49
N PRO A 142 3.64 -30.12 -3.02
CA PRO A 142 3.12 -30.76 -1.79
C PRO A 142 3.08 -32.26 -2.04
N GLY A 143 3.39 -33.06 -1.03
CA GLY A 143 3.39 -34.50 -1.16
C GLY A 143 4.75 -35.10 -1.47
N VAL A 144 5.68 -34.27 -1.93
CA VAL A 144 7.05 -34.72 -2.19
C VAL A 144 7.96 -34.33 -1.03
N LYS A 145 8.29 -35.26 -0.15
CA LYS A 145 9.12 -34.99 0.98
C LYS A 145 10.60 -34.69 0.68
N LEU A 146 11.26 -34.03 1.59
CA LEU A 146 12.63 -33.62 1.39
C LEU A 146 13.51 -34.82 1.16
N GLU A 147 13.21 -35.88 1.87
CA GLU A 147 13.95 -37.11 1.80
C GLU A 147 13.93 -37.69 0.43
N LYS A 148 12.83 -37.50 -0.27
CA LYS A 148 12.70 -37.93 -1.67
C LYS A 148 13.65 -37.16 -2.58
N LEU A 149 13.76 -35.85 -2.34
CA LEU A 149 14.70 -35.02 -3.08
C LEU A 149 16.14 -35.44 -2.80
N THR A 150 16.47 -35.64 -1.54
CA THR A 150 17.84 -35.95 -1.17
C THR A 150 18.24 -37.36 -1.61
N GLN A 151 17.27 -38.27 -1.62
CA GLN A 151 17.50 -39.60 -2.15
C GLN A 151 17.86 -39.52 -3.62
N LEU A 152 17.13 -38.68 -4.35
CA LEU A 152 17.36 -38.49 -5.78
C LEU A 152 18.75 -37.95 -6.05
N ILE A 153 19.17 -36.97 -5.25
CA ILE A 153 20.49 -36.36 -5.40
C ILE A 153 21.60 -37.37 -5.12
N SER A 154 21.46 -38.07 -4.01
CA SER A 154 22.42 -39.12 -3.63
C SER A 154 22.58 -40.16 -4.73
N ALA A 155 21.47 -40.54 -5.35
CA ALA A 155 21.49 -41.51 -6.45
C ALA A 155 22.22 -40.94 -7.65
N ALA A 156 21.84 -39.72 -8.05
CA ALA A 156 22.46 -39.06 -9.19
C ALA A 156 23.96 -38.97 -8.99
N GLN A 157 24.38 -38.46 -7.84
CA GLN A 157 25.80 -38.34 -7.51
C GLN A 157 26.51 -39.68 -7.58
N LYS A 158 25.84 -40.74 -7.13
CA LYS A 158 26.46 -42.07 -7.13
C LYS A 158 27.01 -42.45 -8.50
N GLN A 159 26.27 -42.12 -9.55
CA GLN A 159 26.70 -42.42 -10.91
C GLN A 159 27.33 -41.20 -11.61
N GLY A 160 27.94 -40.33 -10.80
CA GLY A 160 28.75 -39.25 -11.33
C GLY A 160 28.01 -38.07 -11.93
N ILE A 161 26.72 -37.94 -11.63
CA ILE A 161 25.98 -36.77 -12.11
C ILE A 161 26.28 -35.58 -11.21
N ARG A 162 26.67 -34.47 -11.84
CA ARG A 162 27.04 -33.27 -11.10
C ARG A 162 25.82 -32.39 -10.84
N CYS A 163 25.47 -32.21 -9.57
CA CYS A 163 24.20 -31.58 -9.20
C CYS A 163 24.31 -30.12 -8.76
N ILE A 164 23.52 -29.28 -9.42
CA ILE A 164 23.35 -27.88 -9.01
C ILE A 164 21.93 -27.74 -8.47
N VAL A 165 21.79 -27.06 -7.33
CA VAL A 165 20.48 -26.94 -6.71
C VAL A 165 20.12 -25.49 -6.44
N ASP A 166 19.03 -25.05 -7.03
CA ASP A 166 18.47 -23.74 -6.72
C ASP A 166 17.06 -23.93 -6.16
N SER A 167 16.92 -23.76 -4.88
CA SER A 167 15.66 -23.92 -4.19
C SER A 167 15.83 -23.04 -2.97
N SER A 168 14.86 -23.03 -2.10
CA SER A 168 14.97 -22.20 -0.95
C SER A 168 14.97 -23.03 0.27
N GLY A 169 15.28 -22.38 1.36
CA GLY A 169 14.99 -22.90 2.63
C GLY A 169 15.42 -24.27 2.96
N GLU A 170 14.43 -25.04 3.36
CA GLU A 170 14.59 -26.41 3.82
C GLU A 170 15.11 -27.35 2.76
N ALA A 171 14.66 -27.17 1.52
CA ALA A 171 15.15 -27.96 0.38
C ALA A 171 16.64 -27.72 0.08
N LEU A 172 17.06 -26.46 0.14
CA LEU A 172 18.45 -26.10 -0.09
C LEU A 172 19.33 -26.61 1.05
N SER A 173 18.86 -26.41 2.27
CA SER A 173 19.59 -26.88 3.45
C SER A 173 19.74 -28.41 3.42
N ALA A 174 18.67 -29.10 3.05
CA ALA A 174 18.70 -30.55 2.95
C ALA A 174 19.70 -31.02 1.90
N ALA A 175 19.67 -30.38 0.73
CA ALA A 175 20.59 -30.70 -0.35
C ALA A 175 22.04 -30.52 0.10
N LEU A 176 22.31 -29.40 0.76
CA LEU A 176 23.65 -29.09 1.26
C LEU A 176 24.12 -30.11 2.28
N ALA A 177 23.18 -30.68 3.03
CA ALA A 177 23.49 -31.70 4.02
C ALA A 177 24.02 -32.96 3.35
N ILE A 178 23.52 -33.26 2.16
CA ILE A 178 24.04 -34.39 1.39
C ILE A 178 25.46 -34.07 0.96
N GLY A 179 25.70 -32.80 0.63
CA GLY A 179 27.04 -32.33 0.33
C GLY A 179 27.49 -32.55 -1.09
N ASN A 180 28.66 -32.00 -1.42
CA ASN A 180 29.20 -32.07 -2.77
C ASN A 180 28.30 -31.45 -3.83
N ILE A 181 27.48 -30.48 -3.44
CA ILE A 181 26.68 -29.76 -4.43
C ILE A 181 27.60 -28.87 -5.24
N GLU A 182 27.53 -28.99 -6.56
CA GLU A 182 28.43 -28.28 -7.46
C GLU A 182 28.32 -26.77 -7.30
N LEU A 183 27.09 -26.28 -7.13
CA LEU A 183 26.84 -24.84 -7.11
C LEU A 183 25.54 -24.59 -6.37
N VAL A 184 25.53 -23.60 -5.49
CA VAL A 184 24.28 -23.07 -4.96
C VAL A 184 24.27 -21.55 -5.05
N LYS A 185 23.09 -20.96 -5.14
CA LYS A 185 22.96 -19.52 -5.33
C LYS A 185 21.96 -18.90 -4.35
N PRO A 186 22.33 -18.81 -3.07
CA PRO A 186 21.43 -18.20 -2.09
C PRO A 186 21.47 -16.69 -2.19
N ASN A 187 20.35 -16.02 -1.91
CA ASN A 187 20.39 -14.59 -1.66
C ASN A 187 20.83 -14.38 -0.21
N GLN A 188 21.00 -13.16 0.20
CA GLN A 188 21.53 -12.87 1.49
C GLN A 188 20.72 -13.37 2.66
N LYS A 189 19.42 -13.22 2.56
CA LYS A 189 18.55 -13.75 3.62
C LYS A 189 18.67 -15.27 3.74
N GLU A 190 18.58 -15.96 2.61
CA GLU A 190 18.72 -17.41 2.59
C GLU A 190 20.06 -17.84 3.18
N LEU A 191 21.13 -17.16 2.77
CA LEU A 191 22.46 -17.47 3.27
C LEU A 191 22.53 -17.30 4.78
N SER A 192 21.92 -16.22 5.27
CA SER A 192 21.89 -15.95 6.70
C SER A 192 21.22 -17.10 7.46
N ALA A 193 20.16 -17.65 6.88
CA ALA A 193 19.45 -18.76 7.50
C ALA A 193 20.31 -20.03 7.47
N LEU A 194 20.99 -20.25 6.34
CA LEU A 194 21.82 -21.43 6.18
C LEU A 194 22.89 -21.57 7.26
N VAL A 195 23.48 -20.45 7.67
CA VAL A 195 24.54 -20.47 8.67
C VAL A 195 24.03 -20.08 10.05
N ASN A 196 22.74 -19.76 10.13
CA ASN A 196 22.08 -19.50 11.41
C ASN A 196 22.68 -18.31 12.18
N ARG A 197 22.91 -17.21 11.47
CA ARG A 197 23.33 -15.98 12.12
C ARG A 197 23.07 -14.79 11.21
N GLU A 198 22.90 -13.62 11.79
CA GLU A 198 22.66 -12.40 11.03
C GLU A 198 23.96 -11.92 10.41
N LEU A 199 23.92 -11.64 9.12
CA LEU A 199 25.09 -11.16 8.41
C LEU A 199 25.06 -9.63 8.37
N THR A 200 25.68 -9.02 9.35
CA THR A 200 25.59 -7.57 9.55
C THR A 200 26.88 -6.85 9.19
N GLN A 201 28.01 -7.51 9.40
CA GLN A 201 29.30 -6.90 9.12
C GLN A 201 29.67 -7.01 7.64
N PRO A 202 30.51 -6.09 7.13
CA PRO A 202 30.84 -6.01 5.72
C PRO A 202 31.31 -7.34 5.12
N ASP A 203 32.12 -8.10 5.86
CA ASP A 203 32.71 -9.34 5.35
C ASP A 203 31.90 -10.59 5.71
N ASP A 204 30.73 -10.39 6.35
CA ASP A 204 29.93 -11.53 6.82
C ASP A 204 29.40 -12.45 5.72
N VAL A 205 28.97 -11.86 4.61
CA VAL A 205 28.46 -12.66 3.50
C VAL A 205 29.54 -13.58 2.93
N ARG A 206 30.72 -13.02 2.68
CA ARG A 206 31.85 -13.80 2.16
C ARG A 206 32.22 -14.93 3.13
N LYS A 207 32.29 -14.60 4.42
CA LYS A 207 32.62 -15.59 5.44
C LYS A 207 31.60 -16.74 5.45
N ALA A 208 30.32 -16.39 5.43
CA ALA A 208 29.26 -17.40 5.45
C ALA A 208 29.31 -18.30 4.23
N ALA A 209 29.51 -17.72 3.05
CA ALA A 209 29.64 -18.49 1.84
C ALA A 209 30.86 -19.41 1.94
N GLN A 210 31.98 -18.87 2.43
CA GLN A 210 33.21 -19.65 2.56
C GLN A 210 33.06 -20.82 3.53
N GLU A 211 32.27 -20.63 4.59
CA GLU A 211 32.01 -21.69 5.55
C GLU A 211 31.33 -22.89 4.91
N ILE A 212 30.33 -22.61 4.07
CA ILE A 212 29.60 -23.66 3.37
C ILE A 212 30.53 -24.43 2.44
N VAL A 213 31.36 -23.70 1.69
CA VAL A 213 32.33 -24.33 0.82
C VAL A 213 33.35 -25.16 1.62
N ASN A 214 33.96 -24.54 2.63
CA ASN A 214 34.96 -25.20 3.46
C ASN A 214 34.44 -26.52 4.09
N SER A 215 33.16 -26.55 4.42
CA SER A 215 32.55 -27.74 5.03
C SER A 215 32.39 -28.90 4.04
N GLY A 216 32.57 -28.61 2.76
CA GLY A 216 32.38 -29.60 1.72
C GLY A 216 30.93 -29.77 1.31
N LYS A 217 30.04 -28.94 1.86
CA LYS A 217 28.63 -29.04 1.53
C LYS A 217 28.35 -28.58 0.10
N ALA A 218 29.09 -27.56 -0.35
CA ALA A 218 29.01 -27.13 -1.74
C ALA A 218 30.42 -26.81 -2.25
N LYS A 219 30.63 -27.07 -3.54
CA LYS A 219 31.91 -26.78 -4.18
C LYS A 219 32.03 -25.29 -4.49
N ARG A 220 30.90 -24.67 -4.81
CA ARG A 220 30.86 -23.25 -5.12
C ARG A 220 29.61 -22.62 -4.51
N VAL A 221 29.76 -21.42 -3.96
CA VAL A 221 28.62 -20.67 -3.49
C VAL A 221 28.63 -19.29 -4.14
N VAL A 222 27.57 -18.98 -4.89
CA VAL A 222 27.45 -17.64 -5.47
C VAL A 222 26.28 -16.94 -4.81
N VAL A 223 26.58 -15.90 -4.04
CA VAL A 223 25.53 -15.18 -3.33
C VAL A 223 25.00 -14.07 -4.23
N SER A 224 23.72 -14.15 -4.58
CA SER A 224 23.09 -13.08 -5.35
C SER A 224 22.82 -11.90 -4.44
N LEU A 225 23.20 -10.72 -4.89
CA LEU A 225 23.11 -9.51 -4.06
C LEU A 225 22.23 -8.46 -4.73
N GLY A 226 21.28 -8.91 -5.55
CA GLY A 226 20.37 -8.00 -6.22
C GLY A 226 21.08 -7.06 -7.17
N PRO A 227 20.82 -5.74 -7.02
CA PRO A 227 21.44 -4.71 -7.86
C PRO A 227 22.95 -4.61 -7.66
N GLN A 228 23.46 -5.18 -6.57
CA GLN A 228 24.90 -5.13 -6.30
C GLN A 228 25.65 -6.30 -6.95
N GLY A 229 24.93 -7.14 -7.68
CA GLY A 229 25.54 -8.23 -8.41
C GLY A 229 25.63 -9.52 -7.63
N ALA A 230 26.83 -10.06 -7.50
CA ALA A 230 27.02 -11.33 -6.82
C ALA A 230 28.41 -11.43 -6.22
N LEU A 231 28.53 -12.26 -5.19
CA LEU A 231 29.82 -12.59 -4.59
C LEU A 231 29.94 -14.10 -4.62
N GLY A 232 30.96 -14.60 -5.32
CA GLY A 232 31.16 -16.03 -5.46
C GLY A 232 32.45 -16.46 -4.81
N VAL A 233 32.43 -17.66 -4.22
CA VAL A 233 33.62 -18.26 -3.63
C VAL A 233 33.65 -19.75 -3.94
N ASP A 234 34.86 -20.27 -4.06
CA ASP A 234 35.09 -21.71 -4.06
C ASP A 234 36.23 -21.99 -3.11
N SER A 235 36.84 -23.17 -3.19
CA SER A 235 37.85 -23.54 -2.22
C SER A 235 39.14 -22.72 -2.38
N GLU A 236 39.28 -22.03 -3.51
CA GLU A 236 40.54 -21.37 -3.83
C GLU A 236 40.44 -19.85 -3.92
N ASN A 237 39.34 -19.36 -4.51
CA ASN A 237 39.20 -17.94 -4.79
C ASN A 237 37.88 -17.33 -4.37
N CYS A 238 37.84 -16.01 -4.39
CA CYS A 238 36.62 -15.25 -4.13
C CYS A 238 36.59 -14.10 -5.14
N ILE A 239 35.41 -13.86 -5.69
CA ILE A 239 35.22 -12.68 -6.55
C ILE A 239 33.83 -12.09 -6.39
N GLN A 240 33.80 -10.76 -6.31
CA GLN A 240 32.52 -10.05 -6.35
C GLN A 240 32.44 -9.23 -7.62
N VAL A 241 31.28 -9.32 -8.28
CA VAL A 241 31.06 -8.64 -9.54
C VAL A 241 29.81 -7.79 -9.44
N VAL A 242 29.95 -6.52 -9.80
CA VAL A 242 28.82 -5.59 -9.87
C VAL A 242 28.51 -5.36 -11.35
N PRO A 243 27.22 -5.37 -11.72
CA PRO A 243 26.90 -5.12 -13.13
C PRO A 243 27.18 -3.66 -13.50
N PRO A 244 27.22 -3.36 -14.80
CA PRO A 244 27.35 -1.97 -15.25
C PRO A 244 26.09 -1.20 -14.92
N PRO A 245 26.18 0.14 -14.86
CA PRO A 245 25.06 1.03 -14.53
C PRO A 245 23.98 1.04 -15.62
N VAL A 246 23.62 -0.12 -16.14
CA VAL A 246 22.56 -0.21 -17.14
C VAL A 246 21.21 0.03 -16.48
N LYS A 247 20.17 0.14 -17.30
CA LYS A 247 18.82 0.40 -16.79
C LYS A 247 18.06 -0.89 -16.49
N SER A 248 17.57 -1.00 -15.26
CA SER A 248 16.80 -2.17 -14.84
C SER A 248 15.32 -1.82 -14.83
N GLN A 249 14.47 -2.76 -15.24
CA GLN A 249 13.03 -2.52 -15.30
C GLN A 249 12.24 -3.60 -14.59
N SER A 250 12.65 -4.86 -14.77
CA SER A 250 12.00 -5.95 -14.07
C SER A 250 13.01 -7.02 -13.64
N THR A 251 13.05 -7.25 -12.36
CA THR A 251 13.90 -8.21 -11.74
C THR A 251 13.50 -9.65 -11.97
N VAL A 252 12.29 -9.89 -12.41
CA VAL A 252 11.89 -11.26 -12.57
C VAL A 252 12.61 -11.90 -13.74
N GLY A 253 12.99 -13.14 -13.58
CA GLY A 253 13.79 -13.79 -14.57
C GLY A 253 15.30 -13.64 -14.39
N ALA A 254 15.72 -12.75 -13.50
CA ALA A 254 17.15 -12.58 -13.17
C ALA A 254 17.81 -13.79 -12.48
N GLY A 255 17.11 -14.42 -11.53
CA GLY A 255 17.65 -15.56 -10.81
C GLY A 255 17.86 -16.77 -11.70
N ASP A 256 16.80 -17.17 -12.41
CA ASP A 256 16.86 -18.34 -13.28
C ASP A 256 17.87 -18.15 -14.41
N SER A 257 17.90 -16.96 -14.99
CA SER A 257 18.84 -16.65 -16.07
C SER A 257 20.27 -16.75 -15.55
N MET A 258 20.48 -16.25 -14.33
CA MET A 258 21.78 -16.27 -13.70
C MET A 258 22.25 -17.71 -13.46
N VAL A 259 21.38 -18.53 -12.98
CA VAL A 259 21.67 -19.95 -12.80
C VAL A 259 22.00 -20.61 -14.13
N GLY A 260 21.21 -20.30 -15.15
CA GLY A 260 21.45 -20.85 -16.48
C GLY A 260 22.82 -20.47 -17.01
N ALA A 261 23.19 -19.20 -16.83
CA ALA A 261 24.48 -18.70 -17.30
C ALA A 261 25.62 -19.39 -16.57
N MET A 262 25.54 -19.46 -15.25
CA MET A 262 26.62 -20.06 -14.47
C MET A 262 26.73 -21.55 -14.71
N THR A 263 25.62 -22.19 -15.03
CA THR A 263 25.61 -23.61 -15.33
C THR A 263 26.30 -23.87 -16.67
N LEU A 264 26.06 -22.99 -17.63
CA LEU A 264 26.71 -23.08 -18.93
C LEU A 264 28.22 -22.91 -18.79
N LYS A 265 28.63 -21.95 -17.95
CA LYS A 265 30.05 -21.70 -17.71
C LYS A 265 30.71 -22.91 -17.06
N LEU A 266 29.99 -23.51 -16.11
CA LEU A 266 30.47 -24.70 -15.42
C LEU A 266 30.64 -25.85 -16.40
N ALA A 267 29.69 -26.01 -17.30
CA ALA A 267 29.75 -27.05 -18.31
C ALA A 267 30.93 -26.85 -19.25
N GLU A 268 31.44 -25.63 -19.29
CA GLU A 268 32.60 -25.29 -20.12
C GLU A 268 33.87 -25.21 -19.30
N ASN A 269 33.81 -25.72 -18.07
CA ASN A 269 34.99 -25.71 -17.19
C ASN A 269 35.55 -24.31 -17.01
N ALA A 270 34.68 -23.34 -16.74
CA ALA A 270 35.08 -21.95 -16.65
C ALA A 270 35.73 -21.64 -15.31
N SER A 271 36.50 -20.56 -15.26
CA SER A 271 37.08 -20.10 -14.01
C SER A 271 35.95 -19.55 -13.15
N LEU A 272 36.18 -19.48 -11.84
CA LEU A 272 35.21 -18.85 -10.96
C LEU A 272 34.89 -17.44 -11.47
N GLU A 273 35.92 -16.72 -11.88
CA GLU A 273 35.79 -15.34 -12.32
C GLU A 273 34.87 -15.24 -13.54
N GLU A 274 35.09 -16.13 -14.51
CA GLU A 274 34.25 -16.20 -15.70
C GLU A 274 32.82 -16.58 -15.35
N MET A 275 32.66 -17.55 -14.47
CA MET A 275 31.33 -18.04 -14.09
C MET A 275 30.48 -16.96 -13.41
N VAL A 276 31.06 -16.26 -12.45
CA VAL A 276 30.32 -15.21 -11.75
C VAL A 276 30.04 -14.00 -12.65
N ARG A 277 31.02 -13.58 -13.44
CA ARG A 277 30.80 -12.49 -14.39
C ARG A 277 29.68 -12.80 -15.38
N PHE A 278 29.66 -14.03 -15.89
CA PHE A 278 28.65 -14.41 -16.88
C PHE A 278 27.27 -14.52 -16.23
N GLY A 279 27.24 -14.96 -14.98
CA GLY A 279 26.01 -15.03 -14.22
C GLY A 279 25.44 -13.64 -13.98
N VAL A 280 26.31 -12.71 -13.61
CA VAL A 280 25.89 -11.33 -13.36
C VAL A 280 25.45 -10.68 -14.66
N ALA A 281 26.20 -10.92 -15.73
CA ALA A 281 25.83 -10.43 -17.06
C ALA A 281 24.43 -10.89 -17.45
N ALA A 282 24.14 -12.18 -17.26
CA ALA A 282 22.85 -12.74 -17.62
C ALA A 282 21.73 -12.22 -16.71
N GLY A 283 22.00 -12.18 -15.41
CA GLY A 283 21.04 -11.61 -14.47
C GLY A 283 20.72 -10.19 -14.88
N SER A 284 21.76 -9.42 -15.17
CA SER A 284 21.60 -8.02 -15.56
C SER A 284 20.84 -7.90 -16.88
N ALA A 285 21.18 -8.73 -17.86
CA ALA A 285 20.50 -8.70 -19.16
C ALA A 285 19.01 -8.99 -19.03
N ALA A 286 18.65 -9.91 -18.15
CA ALA A 286 17.24 -10.23 -17.94
C ALA A 286 16.48 -9.01 -17.40
N THR A 287 17.10 -8.28 -16.48
CA THR A 287 16.41 -7.17 -15.83
C THR A 287 16.36 -5.92 -16.71
N LEU A 288 17.02 -5.97 -17.87
CA LEU A 288 16.90 -4.91 -18.86
C LEU A 288 15.50 -4.91 -19.46
N ASN A 289 14.89 -6.09 -19.52
CA ASN A 289 13.58 -6.25 -20.12
C ASN A 289 12.45 -6.16 -19.10
N GLN A 290 11.34 -5.56 -19.52
CA GLN A 290 10.18 -5.46 -18.64
C GLN A 290 9.54 -6.84 -18.55
N GLY A 291 8.75 -7.04 -17.50
CA GLY A 291 8.03 -8.29 -17.35
C GLY A 291 8.86 -9.47 -16.87
N THR A 292 8.56 -10.64 -17.41
CA THR A 292 9.15 -11.90 -16.98
C THR A 292 10.20 -12.42 -17.95
N ARG A 293 10.66 -11.55 -18.84
CA ARG A 293 11.58 -11.96 -19.90
C ARG A 293 12.95 -12.36 -19.37
N LEU A 294 13.54 -13.40 -19.96
CA LEU A 294 14.85 -13.89 -19.55
C LEU A 294 15.97 -13.15 -20.27
N CYS A 295 17.21 -13.51 -19.95
CA CYS A 295 18.36 -12.90 -20.60
C CYS A 295 18.37 -13.24 -22.09
N SER A 296 18.80 -12.28 -22.92
CA SER A 296 19.03 -12.54 -24.34
C SER A 296 20.51 -12.76 -24.58
N HIS A 297 20.84 -13.45 -25.67
CA HIS A 297 22.25 -13.68 -26.00
C HIS A 297 23.01 -12.37 -26.16
N ASP A 298 22.45 -11.45 -26.92
CA ASP A 298 23.13 -10.21 -27.26
C ASP A 298 23.32 -9.25 -26.09
N ASP A 299 22.29 -9.08 -25.27
CA ASP A 299 22.41 -8.26 -24.07
C ASP A 299 23.43 -8.86 -23.10
N THR A 300 23.38 -10.17 -22.94
CA THR A 300 24.28 -10.84 -22.00
C THR A 300 25.73 -10.73 -22.44
N GLN A 301 25.98 -10.99 -23.73
CA GLN A 301 27.33 -10.91 -24.27
C GLN A 301 27.91 -9.51 -24.17
N LYS A 302 27.07 -8.52 -24.42
CA LYS A 302 27.50 -7.12 -24.35
C LYS A 302 27.94 -6.77 -22.93
N ILE A 303 27.15 -7.20 -21.95
CA ILE A 303 27.46 -6.90 -20.56
C ILE A 303 28.66 -7.71 -20.08
N TYR A 304 28.74 -8.97 -20.49
CA TYR A 304 29.85 -9.84 -20.13
C TYR A 304 31.17 -9.35 -20.73
N ALA A 305 31.13 -8.94 -21.99
CA ALA A 305 32.31 -8.37 -22.63
C ALA A 305 32.82 -7.19 -21.81
N TYR A 306 31.91 -6.33 -21.38
CA TYR A 306 32.29 -5.19 -20.57
C TYR A 306 32.94 -5.64 -19.27
N LEU A 307 32.29 -6.56 -18.57
CA LEU A 307 32.81 -7.05 -17.30
C LEU A 307 34.14 -7.78 -17.45
N SER A 308 34.42 -8.31 -18.64
CA SER A 308 35.59 -9.17 -18.84
C SER A 308 36.78 -8.45 -19.45
N ARG A 309 36.65 -7.15 -19.63
CA ARG A 309 37.67 -6.30 -20.25
C ARG A 309 39.05 -6.44 -19.63
N MET B 1 -31.39 26.98 26.97
CA MET B 1 -30.07 26.43 26.89
C MET B 1 -29.18 26.73 28.10
N VAL B 2 -28.71 25.67 28.72
CA VAL B 2 -27.72 25.70 29.74
C VAL B 2 -26.39 26.03 29.09
N ARG B 3 -25.47 26.54 29.87
CA ARG B 3 -24.14 26.86 29.37
C ARG B 3 -23.32 25.62 29.04
N ILE B 4 -22.44 25.76 28.09
CA ILE B 4 -21.62 24.65 27.63
C ILE B 4 -20.12 24.93 27.68
N TYR B 5 -19.39 23.99 28.22
CA TYR B 5 -17.94 24.06 28.29
C TYR B 5 -17.33 22.79 27.71
N THR B 6 -16.12 22.89 27.18
CA THR B 6 -15.37 21.71 26.77
C THR B 6 -14.00 21.72 27.43
N LEU B 7 -13.44 20.53 27.65
CA LEU B 7 -12.09 20.40 28.19
C LEU B 7 -11.25 19.52 27.26
N THR B 8 -10.11 20.04 26.83
CA THR B 8 -9.18 19.30 25.98
C THR B 8 -7.83 19.19 26.68
N LEU B 9 -7.55 18.03 27.26
CA LEU B 9 -6.31 17.84 28.00
C LEU B 9 -5.12 17.73 27.06
N ALA B 10 -5.41 17.42 25.80
CA ALA B 10 -4.37 17.29 24.78
C ALA B 10 -4.74 18.07 23.51
N PRO B 11 -4.62 19.40 23.57
CA PRO B 11 -4.90 20.19 22.38
C PRO B 11 -3.87 19.93 21.30
N SER B 12 -4.09 20.47 20.12
CA SER B 12 -3.18 20.31 19.02
C SER B 12 -3.24 21.51 18.08
N LEU B 13 -2.08 21.98 17.64
CA LEU B 13 -2.03 22.92 16.54
C LEU B 13 -1.94 22.08 15.28
N ASP B 14 -3.08 21.95 14.60
CA ASP B 14 -3.18 21.11 13.41
C ASP B 14 -2.56 21.80 12.20
N SER B 15 -1.72 21.08 11.48
CA SER B 15 -1.19 21.59 10.22
C SER B 15 -1.65 20.67 9.09
N ALA B 16 -2.03 21.27 7.97
CA ALA B 16 -2.49 20.50 6.83
C ALA B 16 -1.65 20.84 5.60
N THR B 17 -1.35 19.82 4.80
CA THR B 17 -0.51 20.03 3.62
C THR B 17 -0.95 19.15 2.47
N ILE B 18 -0.43 19.45 1.28
CA ILE B 18 -0.77 18.68 0.10
C ILE B 18 0.47 18.21 -0.62
N THR B 19 0.42 16.99 -1.14
CA THR B 19 1.53 16.42 -1.88
C THR B 19 1.00 15.53 -3.00
N PRO B 20 1.71 15.50 -4.14
CA PRO B 20 1.30 14.76 -5.34
C PRO B 20 1.03 13.27 -5.11
N GLN B 21 1.99 12.59 -4.50
CA GLN B 21 1.88 11.14 -4.29
C GLN B 21 2.48 10.75 -2.96
N ILE B 22 2.15 9.56 -2.50
CA ILE B 22 2.76 9.01 -1.29
C ILE B 22 3.45 7.68 -1.57
N TYR B 23 4.76 7.64 -1.28
CA TYR B 23 5.54 6.43 -1.41
C TYR B 23 6.70 6.54 -0.41
N PRO B 24 7.34 5.41 -0.11
CA PRO B 24 8.36 5.38 0.95
C PRO B 24 9.69 6.01 0.55
N GLU B 25 10.41 6.49 1.57
CA GLU B 25 11.83 6.85 1.49
C GLU B 25 12.14 8.16 0.79
N GLY B 26 11.51 8.42 -0.35
CA GLY B 26 11.79 9.63 -1.11
C GLY B 26 11.29 10.88 -0.40
N LYS B 27 11.82 12.04 -0.77
CA LYS B 27 11.31 13.31 -0.26
C LYS B 27 9.99 13.65 -0.94
N LEU B 28 8.90 13.61 -0.19
CA LEU B 28 7.59 13.98 -0.72
C LEU B 28 7.37 15.48 -0.57
N ARG B 29 7.33 16.18 -1.71
CA ARG B 29 7.20 17.64 -1.71
C ARG B 29 5.81 18.06 -1.26
N CYS B 30 5.75 18.83 -0.18
CA CYS B 30 4.47 19.25 0.38
C CYS B 30 4.28 20.76 0.29
N THR B 31 3.04 21.19 0.04
CA THR B 31 2.74 22.62 -0.01
C THR B 31 2.94 23.22 1.37
N ALA B 32 3.07 24.55 1.43
CA ALA B 32 3.21 25.23 2.71
C ALA B 32 2.03 24.86 3.60
N PRO B 33 2.32 24.41 4.83
CA PRO B 33 1.25 23.95 5.72
C PRO B 33 0.23 25.05 5.99
N VAL B 34 -1.01 24.65 6.24
CA VAL B 34 -2.07 25.54 6.68
C VAL B 34 -2.43 25.13 8.09
N PHE B 35 -2.64 26.11 8.97
CA PHE B 35 -2.87 25.80 10.39
C PHE B 35 -4.31 26.02 10.82
N GLU B 36 -4.79 25.15 11.71
CA GLU B 36 -6.09 25.33 12.35
C GLU B 36 -6.09 24.71 13.75
N PRO B 37 -7.01 25.17 14.61
CA PRO B 37 -7.06 24.64 15.98
C PRO B 37 -7.49 23.17 15.96
N GLY B 38 -6.92 22.37 16.85
CA GLY B 38 -7.26 20.95 16.93
C GLY B 38 -7.37 20.47 18.37
N GLY B 39 -7.68 19.18 18.52
CA GLY B 39 -7.95 18.63 19.84
C GLY B 39 -9.45 18.39 19.96
N GLY B 40 -9.83 17.30 20.62
CA GLY B 40 -11.23 16.91 20.71
C GLY B 40 -12.16 18.00 21.19
N GLY B 41 -11.99 18.40 22.45
CA GLY B 41 -12.84 19.42 23.06
C GLY B 41 -12.85 20.73 22.30
N ILE B 42 -11.70 21.10 21.74
CA ILE B 42 -11.61 22.32 20.96
C ILE B 42 -12.45 22.23 19.68
N ASN B 43 -12.37 21.09 18.99
CA ASN B 43 -13.19 20.87 17.81
C ASN B 43 -14.68 20.83 18.15
N VAL B 44 -15.01 20.24 19.29
CA VAL B 44 -16.38 20.24 19.76
C VAL B 44 -16.88 21.68 19.93
N ALA B 45 -16.05 22.51 20.55
CA ALA B 45 -16.41 23.92 20.74
C ALA B 45 -16.58 24.64 19.40
N ARG B 46 -15.71 24.33 18.45
CA ARG B 46 -15.78 24.94 17.13
C ARG B 46 -17.03 24.52 16.36
N ALA B 47 -17.34 23.23 16.39
CA ALA B 47 -18.56 22.73 15.75
C ALA B 47 -19.78 23.44 16.30
N ILE B 48 -19.86 23.54 17.62
CA ILE B 48 -20.98 24.21 18.28
C ILE B 48 -21.08 25.66 17.81
N ALA B 49 -19.93 26.30 17.60
CA ALA B 49 -19.92 27.69 17.15
C ALA B 49 -20.44 27.78 15.72
N HIS B 50 -20.10 26.82 14.86
CA HIS B 50 -20.59 26.79 13.49
C HIS B 50 -22.10 26.62 13.47
N LEU B 51 -22.61 25.88 14.44
CA LEU B 51 -24.01 25.54 14.53
C LEU B 51 -24.84 26.63 15.23
N GLY B 52 -24.21 27.75 15.54
CA GLY B 52 -24.85 28.88 16.18
C GLY B 52 -24.93 28.91 17.66
N GLY B 53 -24.32 27.97 18.33
CA GLY B 53 -24.23 27.92 19.76
C GLY B 53 -23.00 28.60 20.30
N SER B 54 -22.84 28.54 21.60
CA SER B 54 -21.65 29.03 22.22
C SER B 54 -21.11 28.01 23.20
N ALA B 55 -19.84 27.70 23.08
CA ALA B 55 -19.15 26.84 23.99
C ALA B 55 -17.74 27.35 24.33
N THR B 56 -17.41 27.38 25.60
CA THR B 56 -16.09 27.81 26.01
C THR B 56 -15.15 26.62 26.12
N ALA B 57 -14.07 26.66 25.35
CA ALA B 57 -13.08 25.60 25.35
C ALA B 57 -12.03 25.88 26.43
N ILE B 58 -11.87 24.94 27.36
CA ILE B 58 -10.84 25.04 28.38
C ILE B 58 -9.69 24.10 27.99
N PHE B 59 -8.46 24.61 27.99
CA PHE B 59 -7.33 23.79 27.59
C PHE B 59 -5.99 24.43 27.96
N PRO B 60 -4.94 23.60 28.04
CA PRO B 60 -3.56 24.07 28.25
C PRO B 60 -2.97 24.56 26.94
N ALA B 61 -2.27 25.69 26.97
CA ALA B 61 -1.57 26.19 25.80
C ALA B 61 -0.12 26.43 26.17
N GLY B 62 0.79 25.87 25.37
CA GLY B 62 2.21 25.96 25.68
C GLY B 62 3.08 26.40 24.52
N GLY B 63 3.99 27.32 24.80
CA GLY B 63 4.94 27.80 23.81
C GLY B 63 4.32 28.56 22.65
N ALA B 64 5.08 28.70 21.57
CA ALA B 64 4.63 29.45 20.41
C ALA B 64 3.52 28.73 19.65
N THR B 65 3.53 27.40 19.68
CA THR B 65 2.47 26.63 19.05
C THR B 65 1.13 26.85 19.76
N GLY B 66 1.16 26.85 21.09
CA GLY B 66 0.00 27.18 21.88
C GLY B 66 -0.49 28.59 21.59
N GLU B 67 0.43 29.53 21.50
CA GLU B 67 0.07 30.90 21.17
C GLU B 67 -0.58 30.98 19.80
N HIS B 68 -0.04 30.25 18.84
CA HIS B 68 -0.66 30.12 17.53
C HIS B 68 -2.10 29.61 17.69
N LEU B 69 -2.24 28.52 18.42
CA LEU B 69 -3.54 27.89 18.62
C LEU B 69 -4.57 28.88 19.19
N VAL B 70 -4.16 29.61 20.23
CA VAL B 70 -5.04 30.58 20.87
C VAL B 70 -5.45 31.69 19.91
N SER B 71 -4.48 32.19 19.14
CA SER B 71 -4.74 33.23 18.16
C SER B 71 -5.71 32.77 17.07
N LEU B 72 -5.57 31.52 16.63
CA LEU B 72 -6.47 30.97 15.62
C LEU B 72 -7.91 30.98 16.12
N LEU B 73 -8.11 30.52 17.35
CA LEU B 73 -9.44 30.48 17.94
C LEU B 73 -9.98 31.89 18.18
N ALA B 74 -9.08 32.84 18.37
CA ALA B 74 -9.49 34.23 18.50
C ALA B 74 -10.13 34.69 17.19
N ASP B 75 -9.47 34.39 16.08
CA ASP B 75 -9.96 34.76 14.75
C ASP B 75 -11.26 34.04 14.40
N GLU B 76 -11.54 32.94 15.11
CA GLU B 76 -12.76 32.17 14.86
C GLU B 76 -13.85 32.52 15.87
N ASN B 77 -13.57 33.50 16.73
CA ASN B 77 -14.55 33.95 17.72
C ASN B 77 -14.99 32.86 18.69
N VAL B 78 -14.15 31.84 18.89
CA VAL B 78 -14.43 30.79 19.87
C VAL B 78 -13.92 31.20 21.24
N PRO B 79 -14.83 31.31 22.23
CA PRO B 79 -14.39 31.71 23.57
C PRO B 79 -13.50 30.64 24.19
N VAL B 80 -12.44 31.05 24.86
CA VAL B 80 -11.49 30.13 25.45
C VAL B 80 -11.18 30.45 26.91
N ALA B 81 -10.67 29.44 27.62
CA ALA B 81 -10.12 29.62 28.95
C ALA B 81 -8.87 28.77 29.04
N THR B 82 -7.71 29.41 28.99
CA THR B 82 -6.47 28.69 28.84
C THR B 82 -5.65 28.66 30.11
N VAL B 83 -4.99 27.56 30.20
CA VAL B 83 -3.94 27.51 31.21
C VAL B 83 -2.58 27.48 30.52
N GLU B 84 -1.56 28.44 31.01
CA GLU B 84 -0.22 28.46 30.42
C GLU B 84 0.58 27.24 30.86
N ALA B 85 1.02 26.46 29.89
CA ALA B 85 1.74 25.22 30.16
C ALA B 85 3.20 25.33 29.71
N LYS B 86 4.06 24.51 30.30
CA LYS B 86 5.47 24.54 29.96
C LYS B 86 5.74 23.84 28.63
N ASP B 87 5.41 22.55 28.56
CA ASP B 87 5.63 21.77 27.35
C ASP B 87 4.83 22.36 26.19
N TRP B 88 5.49 22.53 25.05
CA TRP B 88 4.87 23.16 23.90
C TRP B 88 3.72 22.33 23.31
N THR B 89 2.64 23.01 22.96
CA THR B 89 1.48 22.37 22.34
C THR B 89 1.92 21.55 21.13
N ARG B 90 1.42 20.32 21.03
CA ARG B 90 1.79 19.43 19.93
C ARG B 90 1.31 19.97 18.59
N GLN B 91 1.95 19.50 17.52
CA GLN B 91 1.57 19.87 16.17
C GLN B 91 1.37 18.61 15.34
N ASN B 92 0.13 18.31 14.98
CA ASN B 92 -0.17 17.12 14.18
C ASN B 92 -0.18 17.46 12.69
N LEU B 93 0.07 16.46 11.85
CA LEU B 93 0.14 16.71 10.42
C LEU B 93 -0.88 15.90 9.64
N HIS B 94 -1.68 16.60 8.86
CA HIS B 94 -2.69 15.99 8.00
C HIS B 94 -2.20 16.19 6.57
N VAL B 95 -2.01 15.08 5.86
CA VAL B 95 -1.46 15.11 4.51
C VAL B 95 -2.49 14.67 3.49
N HIS B 96 -2.85 15.57 2.57
CA HIS B 96 -3.73 15.19 1.47
C HIS B 96 -2.92 14.78 0.25
N VAL B 97 -3.18 13.58 -0.25
CA VAL B 97 -2.46 13.07 -1.41
C VAL B 97 -3.30 13.28 -2.67
N GLU B 98 -2.75 14.03 -3.62
CA GLU B 98 -3.48 14.38 -4.84
C GLU B 98 -3.84 13.18 -5.70
N ALA B 99 -2.88 12.28 -5.91
CA ALA B 99 -3.07 11.15 -6.82
C ALA B 99 -4.25 10.26 -6.45
N SER B 100 -4.44 10.01 -5.18
CA SER B 100 -5.47 9.13 -4.71
C SER B 100 -6.64 9.80 -4.04
N GLY B 101 -6.46 11.05 -3.63
CA GLY B 101 -7.47 11.77 -2.91
C GLY B 101 -7.50 11.36 -1.45
N GLU B 102 -6.58 10.51 -1.06
CA GLU B 102 -6.44 10.02 0.30
C GLU B 102 -5.87 11.01 1.30
N GLN B 103 -6.22 10.82 2.55
CA GLN B 103 -5.69 11.63 3.61
C GLN B 103 -5.00 10.83 4.69
N TYR B 104 -3.84 11.32 5.12
CA TYR B 104 -3.07 10.68 6.15
C TYR B 104 -2.91 11.58 7.37
N ARG B 105 -3.14 11.01 8.53
CA ARG B 105 -3.20 11.83 9.74
C ARG B 105 -2.16 11.36 10.77
N PHE B 106 -1.13 12.19 10.97
CA PHE B 106 -0.07 11.84 11.90
C PHE B 106 -0.26 12.54 13.23
N VAL B 107 -0.62 11.76 14.25
CA VAL B 107 -1.03 12.30 15.54
C VAL B 107 0.01 12.05 16.61
N MET B 108 0.79 13.07 16.96
CA MET B 108 1.77 12.97 18.02
C MET B 108 1.04 12.92 19.36
N PRO B 109 1.74 12.56 20.43
CA PRO B 109 1.12 12.59 21.75
C PRO B 109 0.88 14.02 22.23
N GLY B 110 -0.18 14.22 23.01
CA GLY B 110 -0.43 15.54 23.59
C GLY B 110 0.78 15.99 24.38
N ALA B 111 0.97 17.30 24.49
CA ALA B 111 2.06 17.85 25.28
C ALA B 111 1.89 17.41 26.74
N ALA B 112 3.00 17.26 27.45
CA ALA B 112 2.97 16.85 28.83
C ALA B 112 2.25 17.88 29.69
N LEU B 113 1.60 17.41 30.75
CA LEU B 113 0.97 18.31 31.72
C LEU B 113 1.45 17.96 33.12
N ASN B 114 2.07 18.91 33.82
CA ASN B 114 2.48 18.66 35.19
C ASN B 114 1.32 18.80 36.17
N GLU B 115 1.57 18.56 37.45
CA GLU B 115 0.50 18.58 38.44
C GLU B 115 -0.11 19.97 38.55
N ASP B 116 0.73 21.00 38.47
CA ASP B 116 0.29 22.38 38.65
C ASP B 116 -0.62 22.85 37.52
N GLU B 117 -0.35 22.38 36.30
CA GLU B 117 -1.14 22.79 35.14
C GLU B 117 -2.49 22.07 35.16
N PHE B 118 -2.47 20.79 35.51
CA PHE B 118 -3.71 20.05 35.68
C PHE B 118 -4.57 20.72 36.75
N ARG B 119 -4.01 21.01 37.91
CA ARG B 119 -4.67 21.75 38.95
CA ARG B 119 -4.69 21.76 38.95
C ARG B 119 -5.37 22.99 38.43
N GLN B 120 -4.70 23.82 37.67
CA GLN B 120 -5.30 25.03 37.12
C GLN B 120 -6.47 24.70 36.20
N LEU B 121 -6.29 23.68 35.36
CA LEU B 121 -7.35 23.24 34.47
C LEU B 121 -8.56 22.78 35.27
N GLU B 122 -8.33 21.97 36.30
CA GLU B 122 -9.40 21.48 37.15
C GLU B 122 -10.23 22.55 37.86
N GLU B 123 -9.53 23.55 38.38
CA GLU B 123 -10.17 24.69 39.05
C GLU B 123 -11.03 25.47 38.06
N GLN B 124 -10.56 25.52 36.82
CA GLN B 124 -11.25 26.19 35.73
C GLN B 124 -12.56 25.44 35.52
N VAL B 125 -12.48 24.11 35.53
CA VAL B 125 -13.66 23.26 35.42
C VAL B 125 -14.62 23.48 36.57
N LEU B 126 -14.08 23.62 37.78
CA LEU B 126 -14.93 23.74 38.96
C LEU B 126 -15.46 25.16 39.15
N GLU B 127 -15.14 26.02 38.20
CA GLU B 127 -15.71 27.37 38.14
C GLU B 127 -17.09 27.29 37.49
N ILE B 128 -17.34 26.16 36.82
CA ILE B 128 -18.58 25.95 36.07
C ILE B 128 -19.78 25.85 36.99
N GLU B 129 -20.86 26.57 36.61
CA GLU B 129 -22.04 26.59 37.47
C GLU B 129 -22.82 25.29 37.37
N SER B 130 -23.59 24.97 38.45
CA SER B 130 -24.43 23.78 38.47
C SER B 130 -25.37 23.77 37.27
N GLY B 131 -25.53 22.60 36.66
CA GLY B 131 -26.45 22.45 35.56
C GLY B 131 -25.85 22.69 34.19
N ALA B 132 -24.64 23.23 34.15
CA ALA B 132 -23.93 23.44 32.88
C ALA B 132 -23.41 22.13 32.33
N ILE B 133 -23.06 22.14 31.05
CA ILE B 133 -22.56 20.93 30.41
C ILE B 133 -21.07 21.04 30.15
N LEU B 134 -20.34 19.99 30.50
CA LEU B 134 -18.91 19.92 30.24
C LEU B 134 -18.61 18.72 29.35
N VAL B 135 -17.99 18.98 28.20
CA VAL B 135 -17.57 17.91 27.29
C VAL B 135 -16.08 17.67 27.42
N ILE B 136 -15.71 16.52 27.98
CA ILE B 136 -14.32 16.13 28.05
C ILE B 136 -13.98 15.23 26.85
N SER B 137 -13.18 15.75 25.93
CA SER B 137 -12.98 15.09 24.64
C SER B 137 -11.52 15.09 24.18
N GLY B 138 -11.08 13.96 23.65
CA GLY B 138 -9.73 13.82 23.14
C GLY B 138 -8.88 12.89 24.00
N SER B 139 -7.70 12.54 23.47
CA SER B 139 -6.79 11.65 24.17
C SER B 139 -6.26 12.27 25.47
N LEU B 140 -5.63 11.46 26.28
CA LEU B 140 -5.07 11.89 27.51
C LEU B 140 -3.56 12.04 27.30
N PRO B 141 -3.01 13.19 27.64
CA PRO B 141 -1.60 13.45 27.52
C PRO B 141 -0.83 12.73 28.58
N PRO B 142 0.46 12.61 28.37
CA PRO B 142 1.40 12.09 29.34
C PRO B 142 1.52 12.97 30.57
N GLY B 143 1.70 12.32 31.71
CA GLY B 143 1.82 13.03 32.95
C GLY B 143 0.46 13.23 33.54
N VAL B 144 -0.49 12.52 32.98
CA VAL B 144 -1.86 12.54 33.48
C VAL B 144 -2.36 11.13 33.75
N LYS B 145 -2.44 10.77 35.03
CA LYS B 145 -2.93 9.46 35.42
C LYS B 145 -4.45 9.42 35.37
N LEU B 146 -5.01 8.29 34.95
CA LEU B 146 -6.46 8.12 34.88
C LEU B 146 -7.15 8.61 36.15
N GLU B 147 -6.54 8.35 37.29
CA GLU B 147 -7.11 8.74 38.58
C GLU B 147 -7.37 10.24 38.64
N LYS B 148 -6.49 11.01 38.02
CA LYS B 148 -6.64 12.47 38.00
C LYS B 148 -7.88 12.89 37.22
N LEU B 149 -8.08 12.27 36.06
CA LEU B 149 -9.27 12.51 35.25
C LEU B 149 -10.51 12.07 36.01
N THR B 150 -10.44 10.88 36.59
CA THR B 150 -11.54 10.32 37.38
C THR B 150 -11.96 11.26 38.51
N GLN B 151 -10.99 11.68 39.31
CA GLN B 151 -11.26 12.54 40.45
C GLN B 151 -11.83 13.89 39.99
N LEU B 152 -11.49 14.28 38.77
CA LEU B 152 -12.01 15.51 38.18
C LEU B 152 -13.48 15.37 37.80
N ILE B 153 -13.83 14.21 37.26
CA ILE B 153 -15.23 13.95 36.91
C ILE B 153 -16.09 13.93 38.18
N SER B 154 -15.67 13.13 39.16
CA SER B 154 -16.37 13.06 40.44
C SER B 154 -16.57 14.44 41.06
N ALA B 155 -15.51 15.24 41.09
CA ALA B 155 -15.58 16.59 41.65
C ALA B 155 -16.60 17.44 40.88
N ALA B 156 -16.53 17.36 39.55
CA ALA B 156 -17.47 18.07 38.69
C ALA B 156 -18.91 17.66 38.98
N GLN B 157 -19.16 16.35 39.06
CA GLN B 157 -20.50 15.84 39.28
C GLN B 157 -21.04 16.25 40.65
N LYS B 158 -20.17 16.19 41.65
CA LYS B 158 -20.53 16.54 43.01
C LYS B 158 -21.18 17.92 43.08
N GLN B 159 -20.76 18.83 42.22
CA GLN B 159 -21.31 20.18 42.23
C GLN B 159 -22.23 20.48 41.04
N GLY B 160 -22.83 19.44 40.48
CA GLY B 160 -23.90 19.58 39.52
C GLY B 160 -23.51 19.73 38.07
N ILE B 161 -22.22 19.56 37.77
CA ILE B 161 -21.78 19.71 36.40
C ILE B 161 -22.12 18.45 35.58
N ARG B 162 -22.75 18.66 34.43
CA ARG B 162 -23.17 17.55 33.59
C ARG B 162 -22.08 17.18 32.59
N CYS B 163 -21.56 15.96 32.73
CA CYS B 163 -20.33 15.55 32.05
C CYS B 163 -20.57 14.64 30.85
N ILE B 164 -20.04 15.05 29.70
CA ILE B 164 -20.03 14.23 28.50
C ILE B 164 -18.60 13.81 28.24
N VAL B 165 -18.39 12.54 27.95
CA VAL B 165 -17.03 12.04 27.72
C VAL B 165 -16.91 11.36 26.38
N ASP B 166 -15.97 11.85 25.57
CA ASP B 166 -15.61 11.22 24.31
C ASP B 166 -14.11 11.03 24.32
N SER B 167 -13.68 9.82 24.65
CA SER B 167 -12.28 9.46 24.65
C SER B 167 -12.20 8.02 24.18
N SER B 168 -11.12 7.34 24.51
CA SER B 168 -11.02 5.93 24.12
C SER B 168 -10.31 5.10 25.18
N GLY B 169 -10.44 3.79 25.06
CA GLY B 169 -9.72 2.86 25.92
C GLY B 169 -10.01 3.02 27.39
N GLU B 170 -8.93 3.11 28.17
CA GLU B 170 -9.03 3.14 29.62
C GLU B 170 -9.72 4.41 30.14
N ALA B 171 -9.46 5.54 29.49
CA ALA B 171 -10.07 6.80 29.89
C ALA B 171 -11.59 6.72 29.89
N LEU B 172 -12.14 6.09 28.86
CA LEU B 172 -13.58 5.93 28.73
C LEU B 172 -14.12 4.94 29.76
N SER B 173 -13.41 3.81 29.94
CA SER B 173 -13.78 2.84 30.96
C SER B 173 -13.73 3.49 32.33
N ALA B 174 -12.65 4.24 32.56
CA ALA B 174 -12.45 4.94 33.83
C ALA B 174 -13.61 5.87 34.12
N ALA B 175 -14.06 6.60 33.10
CA ALA B 175 -15.15 7.57 33.28
C ALA B 175 -16.47 6.89 33.62
N LEU B 176 -16.77 5.81 32.91
CA LEU B 176 -18.00 5.06 33.10
C LEU B 176 -18.02 4.37 34.46
N ALA B 177 -16.84 4.03 34.98
CA ALA B 177 -16.73 3.42 36.30
C ALA B 177 -17.25 4.38 37.37
N ILE B 178 -16.90 5.65 37.25
CA ILE B 178 -17.42 6.69 38.14
C ILE B 178 -18.93 6.80 37.95
N GLY B 179 -19.38 6.66 36.71
CA GLY B 179 -20.80 6.58 36.41
C GLY B 179 -21.54 7.89 36.32
N ASN B 180 -22.83 7.80 35.97
CA ASN B 180 -23.68 8.96 35.79
C ASN B 180 -23.18 9.93 34.70
N ILE B 181 -22.43 9.40 33.75
CA ILE B 181 -21.99 10.18 32.60
C ILE B 181 -23.20 10.48 31.73
N GLU B 182 -23.39 11.75 31.37
CA GLU B 182 -24.58 12.16 30.61
C GLU B 182 -24.64 11.48 29.25
N LEU B 183 -23.54 11.32 28.63
CA LEU B 183 -23.46 10.80 27.26
C LEU B 183 -22.06 10.29 26.95
N VAL B 184 -21.96 9.18 26.27
CA VAL B 184 -20.72 8.71 25.66
C VAL B 184 -21.01 8.28 24.22
N LYS B 185 -19.99 8.36 23.37
CA LYS B 185 -20.15 8.05 21.95
C LYS B 185 -19.06 7.10 21.44
N PRO B 186 -19.12 5.83 21.87
CA PRO B 186 -18.12 4.88 21.40
C PRO B 186 -18.43 4.42 19.98
N ASN B 187 -17.40 3.99 19.23
CA ASN B 187 -17.65 3.24 18.01
C ASN B 187 -17.82 1.77 18.37
N GLN B 188 -18.01 0.91 17.37
CA GLN B 188 -18.30 -0.49 17.64
C GLN B 188 -17.13 -1.21 18.32
N LYS B 189 -15.90 -0.90 17.91
CA LYS B 189 -14.74 -1.53 18.53
C LYS B 189 -14.61 -1.13 20.00
N GLU B 190 -14.71 0.16 20.27
CA GLU B 190 -14.62 0.67 21.62
C GLU B 190 -15.72 0.11 22.50
N LEU B 191 -16.92 -0.03 21.91
CA LEU B 191 -18.05 -0.59 22.63
C LEU B 191 -17.74 -2.04 23.00
N SER B 192 -17.21 -2.78 22.03
CA SER B 192 -16.86 -4.18 22.24
C SER B 192 -15.84 -4.29 23.37
N ALA B 193 -14.83 -3.42 23.34
CA ALA B 193 -13.82 -3.39 24.39
C ALA B 193 -14.43 -3.08 25.77
N LEU B 194 -15.32 -2.08 25.81
CA LEU B 194 -15.93 -1.65 27.06
C LEU B 194 -16.66 -2.80 27.77
N VAL B 195 -17.31 -3.65 27.05
CA VAL B 195 -18.10 -4.75 27.61
C VAL B 195 -17.33 -6.07 27.54
N ASN B 196 -16.14 -6.00 27.01
CA ASN B 196 -15.27 -7.17 26.94
C ASN B 196 -15.87 -8.37 26.20
N ARG B 197 -16.44 -8.12 25.03
CA ARG B 197 -16.87 -9.22 24.16
C ARG B 197 -17.03 -8.77 22.72
N GLU B 198 -16.82 -9.70 21.80
CA GLU B 198 -17.04 -9.45 20.38
C GLU B 198 -18.52 -9.21 20.09
N LEU B 199 -18.82 -8.11 19.42
CA LEU B 199 -20.20 -7.77 19.06
C LEU B 199 -20.48 -8.13 17.60
N THR B 200 -20.91 -9.37 17.38
CA THR B 200 -21.04 -9.89 16.03
C THR B 200 -22.50 -10.12 15.63
N GLN B 201 -23.36 -10.34 16.62
CA GLN B 201 -24.78 -10.59 16.33
C GLN B 201 -25.51 -9.30 16.03
N PRO B 202 -26.57 -9.39 15.19
CA PRO B 202 -27.31 -8.19 14.78
C PRO B 202 -27.66 -7.26 15.94
N ASP B 203 -28.16 -7.82 17.04
CA ASP B 203 -28.63 -7.03 18.17
C ASP B 203 -27.54 -6.74 19.20
N ASP B 204 -26.33 -7.24 18.96
CA ASP B 204 -25.25 -7.12 19.93
C ASP B 204 -24.89 -5.69 20.32
N VAL B 205 -24.84 -4.78 19.34
CA VAL B 205 -24.49 -3.39 19.62
C VAL B 205 -25.51 -2.73 20.55
N ARG B 206 -26.79 -2.86 20.21
CA ARG B 206 -27.85 -2.29 21.04
C ARG B 206 -27.82 -2.86 22.46
N LYS B 207 -27.66 -4.17 22.59
CA LYS B 207 -27.62 -4.79 23.91
C LYS B 207 -26.45 -4.28 24.76
N ALA B 208 -25.27 -4.20 24.16
CA ALA B 208 -24.09 -3.70 24.86
C ALA B 208 -24.28 -2.25 25.31
N ALA B 209 -24.79 -1.42 24.41
CA ALA B 209 -25.10 -0.04 24.77
C ALA B 209 -26.12 -0.02 25.91
N GLN B 210 -27.15 -0.86 25.81
CA GLN B 210 -28.20 -0.86 26.82
C GLN B 210 -27.67 -1.34 28.17
N GLU B 211 -26.76 -2.31 28.13
CA GLU B 211 -26.15 -2.80 29.37
C GLU B 211 -25.45 -1.67 30.11
N ILE B 212 -24.73 -0.83 29.37
CA ILE B 212 -24.02 0.30 29.97
C ILE B 212 -25.00 1.29 30.61
N VAL B 213 -26.09 1.58 29.91
CA VAL B 213 -27.10 2.48 30.45
C VAL B 213 -27.76 1.90 31.70
N ASN B 214 -28.22 0.65 31.60
CA ASN B 214 -28.92 0.00 32.69
C ASN B 214 -28.10 -0.09 33.96
N SER B 215 -26.79 -0.20 33.81
CA SER B 215 -25.89 -0.27 34.95
C SER B 215 -25.75 1.08 35.66
N GLY B 216 -26.24 2.14 35.02
CA GLY B 216 -26.15 3.48 35.58
C GLY B 216 -24.81 4.16 35.30
N LYS B 217 -23.96 3.49 34.54
CA LYS B 217 -22.64 4.06 34.19
C LYS B 217 -22.78 5.26 33.25
N ALA B 218 -23.75 5.20 32.35
CA ALA B 218 -24.07 6.34 31.50
C ALA B 218 -25.57 6.47 31.37
N LYS B 219 -26.06 7.70 31.21
CA LYS B 219 -27.48 7.93 31.01
C LYS B 219 -27.84 7.71 29.55
N ARG B 220 -26.91 8.03 28.67
CA ARG B 220 -27.14 7.86 27.24
C ARG B 220 -25.90 7.31 26.58
N VAL B 221 -26.09 6.32 25.72
CA VAL B 221 -25.01 5.79 24.91
C VAL B 221 -25.39 5.92 23.46
N VAL B 222 -24.54 6.59 22.69
CA VAL B 222 -24.77 6.76 21.26
C VAL B 222 -23.62 6.11 20.51
N VAL B 223 -23.88 4.92 19.95
CA VAL B 223 -22.84 4.19 19.25
C VAL B 223 -22.64 4.74 17.85
N SER B 224 -21.42 5.17 17.56
CA SER B 224 -21.08 5.66 16.24
C SER B 224 -20.84 4.46 15.34
N LEU B 225 -21.46 4.46 14.16
CA LEU B 225 -21.38 3.32 13.26
C LEU B 225 -20.81 3.71 11.90
N GLY B 226 -20.01 4.77 11.89
CA GLY B 226 -19.42 5.26 10.65
C GLY B 226 -20.47 5.62 9.61
N PRO B 227 -20.37 5.05 8.41
CA PRO B 227 -21.28 5.39 7.31
C PRO B 227 -22.70 4.97 7.60
N GLN B 228 -22.89 4.02 8.52
CA GLN B 228 -24.22 3.54 8.87
C GLN B 228 -24.98 4.44 9.85
N GLY B 229 -24.37 5.55 10.25
CA GLY B 229 -25.00 6.47 11.17
C GLY B 229 -24.70 6.20 12.64
N ALA B 230 -25.75 6.14 13.45
CA ALA B 230 -25.58 5.97 14.88
C ALA B 230 -26.78 5.26 15.49
N LEU B 231 -26.54 4.54 16.58
CA LEU B 231 -27.61 3.91 17.35
C LEU B 231 -27.57 4.45 18.76
N GLY B 232 -28.62 5.08 19.19
CA GLY B 232 -28.72 5.68 20.48
C GLY B 232 -29.69 5.02 21.40
N VAL B 233 -29.30 4.90 22.66
CA VAL B 233 -30.07 4.34 23.72
C VAL B 233 -30.00 5.15 25.01
N ASP B 234 -31.07 5.07 25.74
CA ASP B 234 -31.25 5.65 27.03
C ASP B 234 -32.08 4.69 27.85
N SER B 235 -32.41 5.07 29.04
CA SER B 235 -33.13 4.23 29.94
C SER B 235 -34.48 3.82 29.40
N GLU B 236 -35.11 4.65 28.61
CA GLU B 236 -36.42 4.44 28.02
C GLU B 236 -36.55 4.09 26.54
N ASN B 237 -35.64 4.53 25.71
CA ASN B 237 -35.82 4.43 24.28
C ASN B 237 -34.59 4.02 23.48
N CYS B 238 -34.82 3.56 22.26
CA CYS B 238 -33.76 3.27 21.31
C CYS B 238 -34.02 3.88 19.96
N ILE B 239 -33.04 4.56 19.41
CA ILE B 239 -33.16 5.11 18.09
C ILE B 239 -31.94 4.87 17.19
N GLN B 240 -32.19 4.44 15.97
CA GLN B 240 -31.11 4.31 15.00
C GLN B 240 -31.36 5.26 13.85
N VAL B 241 -30.35 6.04 13.50
CA VAL B 241 -30.48 7.01 12.43
C VAL B 241 -29.36 6.80 11.42
N VAL B 242 -29.73 6.64 10.14
CA VAL B 242 -28.76 6.57 9.06
C VAL B 242 -28.74 7.89 8.28
N PRO B 243 -27.55 8.38 7.91
CA PRO B 243 -27.50 9.62 7.14
C PRO B 243 -28.17 9.42 5.78
N PRO B 244 -28.49 10.52 5.08
CA PRO B 244 -28.97 10.42 3.70
C PRO B 244 -27.82 9.94 2.82
N PRO B 245 -28.10 9.43 1.66
CA PRO B 245 -27.02 8.91 0.84
C PRO B 245 -26.39 10.02 0.03
N VAL B 246 -25.82 10.98 0.72
CA VAL B 246 -25.06 12.06 0.18
C VAL B 246 -23.60 11.61 0.28
N LYS B 247 -22.71 12.45 -0.23
CA LYS B 247 -21.25 12.28 -0.36
C LYS B 247 -20.41 12.22 0.89
N SER B 248 -19.28 11.51 0.86
CA SER B 248 -18.37 11.46 2.02
C SER B 248 -16.87 11.85 1.83
N GLN B 249 -16.25 12.49 2.82
CA GLN B 249 -14.79 12.55 3.03
C GLN B 249 -14.21 12.50 4.48
N SER B 250 -14.34 11.38 5.19
CA SER B 250 -13.82 11.24 6.56
C SER B 250 -14.48 10.13 7.37
N GLY B 253 -13.94 14.94 9.87
CA GLY B 253 -14.20 15.56 11.16
C GLY B 253 -15.56 15.28 11.73
N ALA B 254 -16.05 14.10 11.43
CA ALA B 254 -17.33 13.69 11.88
C ALA B 254 -17.45 13.51 13.37
N GLY B 255 -16.47 12.94 14.06
CA GLY B 255 -16.84 12.57 15.41
C GLY B 255 -17.05 13.78 16.31
N ASP B 256 -16.14 14.76 16.21
CA ASP B 256 -16.21 15.95 17.06
C ASP B 256 -17.42 16.81 16.74
N SER B 257 -17.80 16.85 15.47
CA SER B 257 -18.97 17.60 15.06
C SER B 257 -20.24 16.98 15.62
N MET B 258 -20.32 15.66 15.56
CA MET B 258 -21.48 14.94 16.08
C MET B 258 -21.65 15.17 17.58
N VAL B 259 -20.55 15.09 18.31
CA VAL B 259 -20.59 15.33 19.75
C VAL B 259 -21.03 16.77 20.02
N GLY B 260 -20.46 17.70 19.27
CA GLY B 260 -20.87 19.10 19.38
C GLY B 260 -22.37 19.26 19.16
N ALA B 261 -22.87 18.69 18.08
CA ALA B 261 -24.30 18.77 17.77
C ALA B 261 -25.15 18.18 18.89
N MET B 262 -24.78 16.98 19.34
CA MET B 262 -25.58 16.30 20.36
C MET B 262 -25.53 17.04 21.69
N THR B 263 -24.42 17.72 21.94
CA THR B 263 -24.23 18.49 23.17
C THR B 263 -25.14 19.72 23.15
N LEU B 264 -25.17 20.43 22.03
CA LEU B 264 -26.10 21.53 21.84
C LEU B 264 -27.54 21.08 22.12
N LYS B 265 -27.92 19.94 21.55
CA LYS B 265 -29.27 19.43 21.70
C LYS B 265 -29.56 19.11 23.16
N LEU B 266 -28.58 18.53 23.84
CA LEU B 266 -28.74 18.19 25.25
C LEU B 266 -28.89 19.47 26.08
N ALA B 267 -28.13 20.49 25.73
CA ALA B 267 -28.24 21.79 26.38
C ALA B 267 -29.65 22.38 26.19
N GLU B 268 -30.31 21.99 25.10
CA GLU B 268 -31.66 22.47 24.79
C GLU B 268 -32.72 21.47 25.24
N ASN B 269 -32.33 20.55 26.10
CA ASN B 269 -33.24 19.52 26.62
C ASN B 269 -33.97 18.73 25.54
N ALA B 270 -33.29 18.40 24.45
CA ALA B 270 -33.93 17.70 23.34
C ALA B 270 -34.27 16.25 23.65
N SER B 271 -35.19 15.69 22.87
CA SER B 271 -35.47 14.26 22.94
C SER B 271 -34.27 13.45 22.44
N LEU B 272 -34.24 12.17 22.80
CA LEU B 272 -33.19 11.28 22.33
C LEU B 272 -33.16 11.30 20.80
N GLU B 273 -34.34 11.20 20.21
CA GLU B 273 -34.48 11.18 18.76
C GLU B 273 -33.90 12.44 18.09
N GLU B 274 -34.18 13.61 18.66
CA GLU B 274 -33.70 14.86 18.10
C GLU B 274 -32.19 14.92 18.27
N MET B 275 -31.70 14.48 19.42
CA MET B 275 -30.28 14.52 19.69
C MET B 275 -29.49 13.68 18.67
N VAL B 276 -29.92 12.45 18.46
CA VAL B 276 -29.21 11.54 17.57
C VAL B 276 -29.29 11.99 16.12
N ARG B 277 -30.47 12.45 15.69
CA ARG B 277 -30.62 12.96 14.34
C ARG B 277 -29.72 14.15 14.07
N PHE B 278 -29.66 15.09 15.02
CA PHE B 278 -28.84 16.29 14.83
C PHE B 278 -27.36 15.91 14.84
N GLY B 279 -27.01 14.93 15.68
CA GLY B 279 -25.65 14.46 15.75
C GLY B 279 -25.23 13.82 14.43
N VAL B 280 -26.11 12.99 13.89
CA VAL B 280 -25.85 12.34 12.60
C VAL B 280 -25.79 13.35 11.46
N ALA B 281 -26.67 14.34 11.52
CA ALA B 281 -26.68 15.42 10.53
C ALA B 281 -25.34 16.18 10.52
N ALA B 282 -24.85 16.52 11.71
CA ALA B 282 -23.59 17.25 11.84
C ALA B 282 -22.39 16.39 11.44
N GLY B 283 -22.42 15.11 11.83
CA GLY B 283 -21.38 14.18 11.43
C GLY B 283 -21.30 14.07 9.93
N SER B 284 -22.45 13.93 9.30
CA SER B 284 -22.52 13.82 7.85
C SER B 284 -22.07 15.13 7.18
N ALA B 285 -22.56 16.26 7.68
CA ALA B 285 -22.19 17.56 7.13
C ALA B 285 -20.67 17.75 7.11
N ALA B 286 -20.01 17.28 8.16
CA ALA B 286 -18.57 17.43 8.29
C ALA B 286 -17.79 16.65 7.24
N THR B 287 -18.37 15.53 6.84
CA THR B 287 -17.77 14.68 5.85
C THR B 287 -18.08 15.04 4.40
N LEU B 288 -19.03 15.91 4.15
CA LEU B 288 -19.17 16.55 2.86
C LEU B 288 -17.89 17.35 2.75
N ARG B 293 -12.34 19.48 7.95
CA ARG B 293 -13.36 20.52 8.07
C ARG B 293 -14.54 20.04 8.91
N LEU B 294 -15.07 20.94 9.74
CA LEU B 294 -16.20 20.61 10.60
C LEU B 294 -17.52 20.87 9.89
N CYS B 295 -18.62 20.57 10.58
CA CYS B 295 -19.94 20.77 10.02
C CYS B 295 -20.22 22.26 9.85
N SER B 296 -20.81 22.63 8.72
CA SER B 296 -21.30 24.00 8.54
C SER B 296 -22.76 24.06 8.99
N HIS B 297 -23.26 25.26 9.22
CA HIS B 297 -24.64 25.41 9.69
C HIS B 297 -25.66 24.96 8.65
N ASP B 298 -25.53 25.48 7.44
CA ASP B 298 -26.50 25.22 6.38
C ASP B 298 -26.55 23.74 6.00
N ASP B 299 -25.38 23.11 5.93
CA ASP B 299 -25.30 21.71 5.55
C ASP B 299 -25.95 20.85 6.63
N THR B 300 -25.63 21.14 7.89
CA THR B 300 -26.20 20.40 9.01
C THR B 300 -27.72 20.59 9.08
N GLN B 301 -28.18 21.81 8.87
CA GLN B 301 -29.61 22.07 8.92
C GLN B 301 -30.35 21.37 7.79
N LYS B 302 -29.74 21.36 6.60
CA LYS B 302 -30.35 20.74 5.43
C LYS B 302 -30.54 19.24 5.66
N ILE B 303 -29.54 18.59 6.23
CA ILE B 303 -29.62 17.16 6.49
C ILE B 303 -30.57 16.87 7.66
N TYR B 304 -30.49 17.69 8.71
CA TYR B 304 -31.36 17.52 9.87
C TYR B 304 -32.83 17.67 9.51
N ALA B 305 -33.13 18.63 8.64
CA ALA B 305 -34.49 18.84 8.18
C ALA B 305 -34.98 17.58 7.47
N TYR B 306 -34.14 17.03 6.60
CA TYR B 306 -34.51 15.83 5.86
C TYR B 306 -34.78 14.68 6.82
N LEU B 307 -33.88 14.47 7.78
CA LEU B 307 -34.03 13.41 8.76
C LEU B 307 -35.25 13.61 9.64
N SER B 308 -35.64 14.87 9.85
CA SER B 308 -36.70 15.21 10.80
C SER B 308 -38.07 15.34 10.14
N ARG B 309 -38.12 15.12 8.84
CA ARG B 309 -39.37 15.25 8.07
C ARG B 309 -40.55 14.61 8.78
N MET C 1 45.52 20.76 5.90
CA MET C 1 44.10 20.74 5.57
C MET C 1 43.53 22.16 5.57
N VAL C 2 42.73 22.47 4.55
CA VAL C 2 42.07 23.77 4.46
C VAL C 2 40.73 23.70 5.19
N ARG C 3 40.19 24.86 5.55
CA ARG C 3 38.94 24.94 6.29
C ARG C 3 37.72 24.66 5.41
N ILE C 4 36.65 24.19 6.03
CA ILE C 4 35.44 23.84 5.29
C ILE C 4 34.23 24.62 5.77
N TYR C 5 33.43 25.09 4.82
CA TYR C 5 32.18 25.78 5.14
C TYR C 5 31.06 25.14 4.34
N THR C 6 29.83 25.27 4.83
CA THR C 6 28.68 24.87 4.05
C THR C 6 27.65 25.99 4.00
N LEU C 7 26.84 26.00 2.96
CA LEU C 7 25.77 26.99 2.81
C LEU C 7 24.45 26.29 2.58
N THR C 8 23.48 26.58 3.45
CA THR C 8 22.16 25.98 3.35
C THR C 8 21.09 27.08 3.25
N LEU C 9 20.63 27.35 2.03
CA LEU C 9 19.65 28.41 1.83
C LEU C 9 18.28 28.01 2.36
N ALA C 10 18.02 26.70 2.45
CA ALA C 10 16.77 26.20 3.00
C ALA C 10 16.98 25.19 4.14
N PRO C 11 17.30 25.68 5.34
CA PRO C 11 17.44 24.77 6.48
C PRO C 11 16.12 24.10 6.81
N SER C 12 16.19 23.03 7.59
CA SER C 12 15.01 22.35 8.06
C SER C 12 15.24 21.86 9.48
N LEU C 13 14.26 22.11 10.35
CA LEU C 13 14.24 21.45 11.64
C LEU C 13 13.47 20.15 11.44
N ASP C 14 14.20 19.04 11.34
CA ASP C 14 13.59 17.73 11.11
C ASP C 14 13.03 17.16 12.40
N SER C 15 11.82 16.61 12.33
CA SER C 15 11.30 15.86 13.46
C SER C 15 11.13 14.42 13.01
N ALA C 16 11.64 13.49 13.80
CA ALA C 16 11.56 12.07 13.47
C ALA C 16 10.62 11.37 14.44
N THR C 17 9.71 10.56 13.90
CA THR C 17 8.72 9.88 14.73
C THR C 17 8.49 8.46 14.24
N ILE C 18 7.84 7.64 15.07
CA ILE C 18 7.54 6.25 14.78
C ILE C 18 6.05 5.96 14.95
N THR C 19 5.48 5.16 14.06
CA THR C 19 4.09 4.71 14.17
C THR C 19 4.00 3.23 13.75
N PRO C 20 3.06 2.48 14.36
CA PRO C 20 2.99 1.04 14.11
C PRO C 20 2.74 0.69 12.64
N GLN C 21 1.77 1.34 12.01
CA GLN C 21 1.49 1.12 10.60
C GLN C 21 0.99 2.39 9.91
N ILE C 22 0.92 2.35 8.59
CA ILE C 22 0.45 3.49 7.84
C ILE C 22 -0.73 3.13 6.94
N TYR C 23 -1.84 3.83 7.15
CA TYR C 23 -3.04 3.66 6.34
C TYR C 23 -3.81 4.98 6.35
N PRO C 24 -4.61 5.22 5.31
CA PRO C 24 -5.30 6.52 5.15
C PRO C 24 -6.47 6.71 6.11
N GLU C 25 -6.94 7.95 6.21
CA GLU C 25 -8.15 8.29 6.98
C GLU C 25 -8.03 8.18 8.49
N GLY C 26 -7.46 7.08 8.98
CA GLY C 26 -7.39 6.86 10.41
C GLY C 26 -6.35 7.72 11.11
N LYS C 27 -6.53 7.92 12.41
CA LYS C 27 -5.52 8.59 13.22
C LYS C 27 -4.33 7.68 13.45
N LEU C 28 -3.18 8.03 12.87
CA LEU C 28 -1.96 7.26 13.07
C LEU C 28 -1.19 7.77 14.28
N ARG C 29 -1.10 7.05 15.27
CA ARG C 29 -0.46 7.37 16.54
C ARG C 29 1.05 7.34 16.42
N CYS C 30 1.64 8.45 16.60
CA CYS C 30 3.09 8.56 16.50
C CYS C 30 3.74 8.85 17.86
N THR C 31 4.96 8.35 18.05
CA THR C 31 5.72 8.61 19.26
C THR C 31 6.09 10.09 19.36
N ALA C 32 6.51 10.52 20.54
CA ALA C 32 6.97 11.89 20.73
C ALA C 32 8.10 12.16 19.77
N PRO C 33 8.00 13.25 18.99
CA PRO C 33 8.98 13.50 17.94
C PRO C 33 10.39 13.70 18.50
N VAL C 34 11.40 13.29 17.74
CA VAL C 34 12.79 13.60 18.08
C VAL C 34 13.29 14.59 17.03
N PHE C 35 14.00 15.63 17.46
CA PHE C 35 14.37 16.71 16.56
C PHE C 35 15.84 16.64 16.14
N GLU C 36 16.07 16.91 14.86
CA GLU C 36 17.43 16.93 14.31
C GLU C 36 17.60 18.18 13.46
N PRO C 37 18.81 18.75 13.48
CA PRO C 37 19.14 19.84 12.55
C PRO C 37 19.20 19.28 11.14
N GLY C 38 18.57 19.94 10.17
CA GLY C 38 18.49 19.40 8.83
C GLY C 38 18.67 20.40 7.71
N GLY C 39 18.56 19.92 6.47
CA GLY C 39 18.87 20.71 5.30
C GLY C 39 20.23 20.31 4.77
N GLY C 40 20.39 20.40 3.45
CA GLY C 40 21.57 19.91 2.76
C GLY C 40 22.92 20.25 3.39
N GLY C 41 23.31 21.52 3.30
CA GLY C 41 24.62 21.92 3.78
C GLY C 41 24.78 21.69 5.27
N ILE C 42 23.68 21.79 5.99
CA ILE C 42 23.70 21.56 7.43
C ILE C 42 24.01 20.09 7.72
N ASN C 43 23.38 19.20 6.96
CA ASN C 43 23.68 17.77 7.08
C ASN C 43 25.11 17.44 6.70
N VAL C 44 25.64 18.15 5.70
CA VAL C 44 27.02 17.95 5.30
C VAL C 44 27.96 18.28 6.45
N ALA C 45 27.70 19.40 7.12
CA ALA C 45 28.54 19.83 8.23
C ALA C 45 28.41 18.88 9.41
N ARG C 46 27.23 18.31 9.58
CA ARG C 46 27.00 17.36 10.68
C ARG C 46 27.79 16.08 10.41
N ALA C 47 27.72 15.60 9.17
CA ALA C 47 28.45 14.40 8.79
C ALA C 47 29.95 14.59 9.03
N ILE C 48 30.45 15.75 8.62
CA ILE C 48 31.86 16.06 8.82
C ILE C 48 32.25 16.08 10.30
N ALA C 49 31.35 16.60 11.13
CA ALA C 49 31.59 16.61 12.57
C ALA C 49 31.63 15.18 13.11
N HIS C 50 30.68 14.36 12.66
CA HIS C 50 30.63 12.95 13.07
C HIS C 50 31.92 12.24 12.72
N LEU C 51 32.54 12.65 11.61
CA LEU C 51 33.72 11.96 11.10
C LEU C 51 35.02 12.57 11.62
N GLY C 52 34.92 13.45 12.60
CA GLY C 52 36.09 14.00 13.27
C GLY C 52 36.66 15.24 12.62
N GLY C 53 35.94 15.80 11.66
CA GLY C 53 36.37 17.02 11.00
C GLY C 53 35.63 18.21 11.57
N SER C 54 35.83 19.37 10.97
CA SER C 54 35.09 20.56 11.38
C SER C 54 34.68 21.39 10.17
N ALA C 55 33.39 21.69 10.09
CA ALA C 55 32.86 22.51 9.01
C ALA C 55 31.83 23.49 9.57
N THR C 56 32.02 24.77 9.29
CA THR C 56 31.10 25.80 9.77
C THR C 56 29.89 25.90 8.84
N ALA C 57 28.70 25.70 9.41
CA ALA C 57 27.47 25.78 8.62
C ALA C 57 26.93 27.21 8.60
N ILE C 58 26.75 27.74 7.40
CA ILE C 58 26.23 29.10 7.22
C ILE C 58 24.80 28.97 6.73
N PHE C 59 23.86 29.63 7.40
CA PHE C 59 22.45 29.48 7.07
C PHE C 59 21.55 30.53 7.72
N PRO C 60 20.36 30.77 7.12
CA PRO C 60 19.32 31.61 7.71
C PRO C 60 18.58 30.82 8.76
N ALA C 61 18.30 31.45 9.90
CA ALA C 61 17.51 30.83 10.95
C ALA C 61 16.40 31.80 11.35
N GLY C 62 15.16 31.31 11.37
CA GLY C 62 14.03 32.15 11.73
C GLY C 62 13.17 31.54 12.82
N GLY C 63 12.67 32.39 13.72
CA GLY C 63 11.72 31.97 14.72
C GLY C 63 12.23 30.96 15.74
N ALA C 64 11.30 30.36 16.47
CA ALA C 64 11.64 29.42 17.53
C ALA C 64 12.22 28.14 16.95
N THR C 65 11.73 27.75 15.79
CA THR C 65 12.22 26.57 15.12
C THR C 65 13.68 26.82 14.70
N GLY C 66 13.98 28.02 14.24
CA GLY C 66 15.34 28.39 13.91
C GLY C 66 16.26 28.36 15.11
N GLU C 67 15.79 28.83 16.25
CA GLU C 67 16.54 28.81 17.49
C GLU C 67 16.83 27.37 17.92
N HIS C 68 15.82 26.51 17.81
CA HIS C 68 15.92 25.10 18.16
C HIS C 68 16.96 24.43 17.26
N LEU C 69 16.88 24.74 15.96
CA LEU C 69 17.84 24.22 15.01
C LEU C 69 19.26 24.59 15.42
N VAL C 70 19.47 25.86 15.78
CA VAL C 70 20.78 26.33 16.21
C VAL C 70 21.25 25.62 17.47
N SER C 71 20.34 25.41 18.41
CA SER C 71 20.68 24.75 19.67
C SER C 71 21.16 23.32 19.44
N LEU C 72 20.49 22.61 18.54
CA LEU C 72 20.85 21.27 18.19
C LEU C 72 22.24 21.16 17.54
N LEU C 73 22.60 22.11 16.71
CA LEU C 73 23.92 22.10 16.08
C LEU C 73 25.03 22.30 17.12
N ALA C 74 24.76 23.14 18.11
CA ALA C 74 25.67 23.32 19.23
C ALA C 74 25.92 21.99 19.93
N ASP C 75 24.83 21.23 20.15
CA ASP C 75 24.93 19.94 20.81
C ASP C 75 25.70 18.91 19.99
N GLU C 76 25.80 19.13 18.69
CA GLU C 76 26.54 18.21 17.83
C GLU C 76 27.93 18.76 17.48
N ASN C 77 28.33 19.83 18.17
CA ASN C 77 29.64 20.43 17.96
C ASN C 77 29.88 20.90 16.52
N VAL C 78 28.81 21.38 15.89
CA VAL C 78 28.91 21.96 14.56
C VAL C 78 28.95 23.48 14.67
N PRO C 79 30.07 24.09 14.30
CA PRO C 79 30.15 25.55 14.37
C PRO C 79 29.20 26.15 13.35
N VAL C 80 28.57 27.27 13.68
CA VAL C 80 27.60 27.88 12.79
C VAL C 80 27.87 29.36 12.58
N ALA C 81 27.35 29.90 11.47
CA ALA C 81 27.30 31.33 11.25
C ALA C 81 25.92 31.59 10.68
N THR C 82 25.06 32.22 11.48
CA THR C 82 23.66 32.36 11.10
C THR C 82 23.25 33.78 10.73
N VAL C 83 22.21 33.88 9.91
CA VAL C 83 21.55 35.13 9.62
C VAL C 83 20.11 35.03 10.11
N GLU C 84 19.66 36.05 10.83
CA GLU C 84 18.30 36.04 11.36
C GLU C 84 17.34 36.26 10.21
N ALA C 85 16.30 35.44 10.11
CA ALA C 85 15.35 35.55 9.02
C ALA C 85 13.94 35.76 9.55
N LYS C 86 13.13 36.49 8.79
CA LYS C 86 11.76 36.80 9.19
C LYS C 86 10.88 35.55 9.22
N ASP C 87 10.84 34.84 8.10
CA ASP C 87 10.04 33.62 8.02
C ASP C 87 10.65 32.52 8.90
N TRP C 88 9.79 31.77 9.58
CA TRP C 88 10.23 30.72 10.49
C TRP C 88 10.80 29.52 9.75
N THR C 89 11.91 29.00 10.27
CA THR C 89 12.51 27.79 9.74
C THR C 89 11.45 26.70 9.60
N ARG C 90 11.47 26.00 8.47
CA ARG C 90 10.48 24.95 8.19
C ARG C 90 10.69 23.73 9.06
N GLN C 91 9.61 22.97 9.27
CA GLN C 91 9.69 21.70 10.00
C GLN C 91 9.25 20.55 9.09
N ASN C 92 10.18 19.66 8.78
CA ASN C 92 9.88 18.48 7.97
C ASN C 92 9.61 17.27 8.85
N LEU C 93 8.66 16.43 8.46
CA LEU C 93 8.32 15.25 9.27
C LEU C 93 8.82 13.95 8.64
N HIS C 94 9.57 13.17 9.41
CA HIS C 94 10.03 11.87 8.95
C HIS C 94 9.38 10.78 9.80
N VAL C 95 8.59 9.92 9.16
CA VAL C 95 7.83 8.90 9.88
C VAL C 95 8.35 7.49 9.61
N HIS C 96 8.82 6.81 10.65
CA HIS C 96 9.22 5.42 10.52
C HIS C 96 8.04 4.52 10.87
N VAL C 97 7.69 3.61 9.96
CA VAL C 97 6.56 2.71 10.18
C VAL C 97 7.04 1.32 10.62
N GLU C 98 6.67 0.92 11.83
CA GLU C 98 7.15 -0.33 12.42
C GLU C 98 6.83 -1.58 11.60
N ALA C 99 5.58 -1.71 11.17
CA ALA C 99 5.13 -2.93 10.51
C ALA C 99 5.88 -3.22 9.22
N SER C 100 6.25 -2.17 8.50
CA SER C 100 6.90 -2.32 7.20
C SER C 100 8.40 -2.05 7.28
N GLY C 101 8.79 -1.27 8.29
CA GLY C 101 10.18 -0.88 8.44
C GLY C 101 10.57 0.23 7.48
N GLU C 102 9.57 0.88 6.88
CA GLU C 102 9.84 1.92 5.89
C GLU C 102 9.69 3.31 6.47
N GLN C 103 10.25 4.31 5.79
CA GLN C 103 10.11 5.69 6.21
C GLN C 103 9.35 6.50 5.17
N TYR C 104 8.59 7.48 5.65
CA TYR C 104 7.89 8.41 4.78
C TYR C 104 8.31 9.81 5.18
N ARG C 105 8.62 10.64 4.19
CA ARG C 105 9.28 11.92 4.45
C ARG C 105 8.53 13.08 3.84
N PHE C 106 7.94 13.90 4.71
CA PHE C 106 7.14 15.01 4.26
C PHE C 106 7.96 16.31 4.32
N VAL C 107 8.33 16.80 3.14
CA VAL C 107 9.25 17.90 3.01
C VAL C 107 8.52 19.18 2.60
N MET C 108 8.43 20.12 3.53
CA MET C 108 7.78 21.40 3.27
C MET C 108 8.70 22.32 2.48
N PRO C 109 8.14 23.42 1.94
CA PRO C 109 8.98 24.40 1.25
C PRO C 109 9.92 25.06 2.25
N GLY C 110 11.14 25.37 1.82
CA GLY C 110 12.06 26.09 2.66
C GLY C 110 11.46 27.43 3.05
N ALA C 111 11.87 27.96 4.20
CA ALA C 111 11.40 29.28 4.62
C ALA C 111 11.80 30.34 3.59
N ALA C 112 10.94 31.34 3.45
CA ALA C 112 11.22 32.46 2.54
C ALA C 112 12.47 33.22 2.97
N LEU C 113 13.25 33.61 1.98
CA LEU C 113 14.40 34.44 2.17
C LEU C 113 14.27 35.77 1.49
N ASN C 114 14.38 36.81 2.30
CA ASN C 114 14.37 38.18 1.84
C ASN C 114 15.69 38.53 1.16
N GLU C 115 15.68 39.55 0.31
CA GLU C 115 16.88 39.96 -0.39
C GLU C 115 17.93 40.42 0.63
N ASP C 116 17.48 41.11 1.66
CA ASP C 116 18.38 41.60 2.70
C ASP C 116 18.99 40.45 3.46
N GLU C 117 18.21 39.39 3.63
CA GLU C 117 18.69 38.21 4.34
C GLU C 117 19.69 37.47 3.46
N PHE C 118 19.41 37.39 2.16
CA PHE C 118 20.36 36.78 1.24
C PHE C 118 21.65 37.57 1.19
N ARG C 119 21.55 38.90 1.23
CA ARG C 119 22.72 39.75 1.24
C ARG C 119 23.61 39.43 2.42
N GLN C 120 22.99 39.23 3.58
CA GLN C 120 23.74 38.93 4.79
C GLN C 120 24.44 37.58 4.68
N LEU C 121 23.80 36.64 4.01
CA LEU C 121 24.37 35.31 3.82
C LEU C 121 25.55 35.39 2.85
N GLU C 122 25.36 36.14 1.77
CA GLU C 122 26.41 36.33 0.79
C GLU C 122 27.63 36.98 1.46
N GLU C 123 27.38 37.95 2.33
CA GLU C 123 28.46 38.61 3.07
C GLU C 123 29.23 37.64 3.96
N GLN C 124 28.52 36.70 4.59
CA GLN C 124 29.17 35.67 5.38
C GLN C 124 30.07 34.79 4.50
N VAL C 125 29.55 34.42 3.33
CA VAL C 125 30.30 33.60 2.38
C VAL C 125 31.58 34.30 1.91
N LEU C 126 31.47 35.57 1.54
CA LEU C 126 32.61 36.30 0.98
C LEU C 126 33.66 36.69 2.03
N GLU C 127 33.43 36.30 3.27
CA GLU C 127 34.45 36.48 4.31
C GLU C 127 35.32 35.23 4.45
N ILE C 128 34.91 34.15 3.79
CA ILE C 128 35.69 32.93 3.77
C ILE C 128 37.03 33.17 3.09
N GLU C 129 38.10 32.61 3.65
CA GLU C 129 39.44 32.83 3.12
C GLU C 129 39.70 32.07 1.82
N SER C 130 40.58 32.63 0.99
CA SER C 130 40.97 31.99 -0.25
C SER C 130 41.58 30.62 0.03
N GLY C 131 41.26 29.65 -0.82
CA GLY C 131 41.74 28.29 -0.64
C GLY C 131 40.82 27.42 0.19
N ALA C 132 39.84 28.04 0.86
CA ALA C 132 38.89 27.26 1.65
C ALA C 132 37.81 26.65 0.75
N ILE C 133 37.15 25.61 1.25
CA ILE C 133 36.13 24.90 0.50
C ILE C 133 34.75 25.23 1.03
N LEU C 134 33.84 25.58 0.12
CA LEU C 134 32.44 25.82 0.44
C LEU C 134 31.54 24.81 -0.25
N VAL C 135 30.72 24.11 0.54
CA VAL C 135 29.72 23.21 -0.02
C VAL C 135 28.36 23.88 -0.01
N ILE C 136 27.81 24.10 -1.18
CA ILE C 136 26.45 24.63 -1.28
C ILE C 136 25.50 23.47 -1.56
N SER C 137 24.60 23.20 -0.63
CA SER C 137 23.78 21.99 -0.70
C SER C 137 22.35 22.17 -0.23
N GLY C 138 21.41 21.58 -0.96
CA GLY C 138 20.01 21.63 -0.59
C GLY C 138 19.19 22.44 -1.59
N SER C 139 17.87 22.35 -1.47
CA SER C 139 16.96 23.08 -2.37
C SER C 139 17.04 24.59 -2.17
N LEU C 140 16.55 25.34 -3.16
CA LEU C 140 16.43 26.78 -3.03
C LEU C 140 15.09 27.14 -2.43
N PRO C 141 15.10 28.10 -1.49
CA PRO C 141 13.89 28.59 -0.83
C PRO C 141 13.15 29.56 -1.73
N PRO C 142 11.87 29.83 -1.42
CA PRO C 142 11.15 30.89 -2.12
C PRO C 142 11.82 32.23 -1.86
N GLY C 143 11.88 33.09 -2.87
CA GLY C 143 12.50 34.40 -2.71
C GLY C 143 13.95 34.42 -3.14
N VAL C 144 14.49 33.26 -3.50
CA VAL C 144 15.86 33.19 -4.02
C VAL C 144 15.86 32.78 -5.48
N LYS C 145 16.34 33.66 -6.34
CA LYS C 145 16.39 33.40 -7.77
C LYS C 145 17.69 32.69 -8.12
N LEU C 146 17.60 31.74 -9.05
CA LEU C 146 18.75 30.94 -9.44
C LEU C 146 19.97 31.80 -9.78
N GLU C 147 19.73 32.92 -10.46
CA GLU C 147 20.80 33.82 -10.86
C GLU C 147 21.54 34.42 -9.67
N LYS C 148 20.86 34.53 -8.53
CA LYS C 148 21.50 35.00 -7.31
C LYS C 148 22.49 33.95 -6.80
N LEU C 149 22.06 32.70 -6.79
CA LEU C 149 22.93 31.60 -6.39
C LEU C 149 24.16 31.57 -7.30
N THR C 150 24.17 31.66 -8.63
CA THR C 150 25.27 31.67 -9.58
C THR C 150 26.18 32.89 -9.44
N GLN C 151 25.43 34.01 -9.08
CA GLN C 151 26.29 35.17 -8.86
C GLN C 151 27.16 34.99 -7.62
N LEU C 152 26.60 34.37 -6.59
CA LEU C 152 27.35 34.10 -5.36
C LEU C 152 28.53 33.18 -5.62
N ILE C 153 28.28 32.09 -6.34
CA ILE C 153 29.33 31.15 -6.70
C ILE C 153 30.45 31.88 -7.45
N SER C 154 30.16 32.79 -8.35
CA SER C 154 31.12 33.57 -9.12
C SER C 154 31.94 34.50 -8.21
N ALA C 155 31.19 35.10 -7.40
CA ALA C 155 31.91 36.00 -6.50
C ALA C 155 32.85 35.19 -5.61
N ALA C 156 32.37 34.04 -5.15
CA ALA C 156 33.17 33.17 -4.30
C ALA C 156 34.46 32.75 -5.02
N GLN C 157 34.29 32.19 -6.22
CA GLN C 157 35.43 31.72 -7.00
C GLN C 157 36.42 32.86 -7.26
N LYS C 158 35.89 34.05 -7.50
CA LYS C 158 36.72 35.22 -7.76
C LYS C 158 37.75 35.45 -6.65
N GLN C 159 37.39 35.11 -5.42
CA GLN C 159 38.33 35.29 -4.32
C GLN C 159 38.90 33.98 -3.76
N GLY C 160 39.04 32.99 -4.65
CA GLY C 160 39.77 31.78 -4.30
C GLY C 160 39.01 30.71 -3.54
N ILE C 161 37.71 30.93 -3.37
CA ILE C 161 36.90 29.95 -2.67
C ILE C 161 36.55 28.77 -3.58
N ARG C 162 36.84 27.56 -3.11
CA ARG C 162 36.59 26.35 -3.86
C ARG C 162 35.18 25.82 -3.59
N CYS C 163 34.35 25.81 -4.63
CA CYS C 163 32.93 25.57 -4.46
C CYS C 163 32.47 24.17 -4.87
N ILE C 164 31.76 23.51 -3.96
CA ILE C 164 31.09 22.25 -4.22
C ILE C 164 29.60 22.52 -4.23
N VAL C 165 28.90 21.95 -5.20
CA VAL C 165 27.47 22.17 -5.31
C VAL C 165 26.68 20.85 -5.37
N ASP C 166 25.68 20.75 -4.50
CA ASP C 166 24.77 19.61 -4.49
C ASP C 166 23.34 20.12 -4.35
N SER C 167 22.59 20.12 -5.44
CA SER C 167 21.24 20.69 -5.39
C SER C 167 20.28 20.04 -6.37
N SER C 168 19.22 20.76 -6.69
CA SER C 168 18.24 20.34 -7.71
C SER C 168 18.92 20.24 -9.07
N GLY C 169 18.25 19.59 -10.02
CA GLY C 169 18.76 19.50 -11.38
C GLY C 169 19.03 20.86 -12.00
N GLU C 170 18.09 21.79 -11.83
CA GLU C 170 18.21 23.12 -12.42
C GLU C 170 19.36 23.90 -11.80
N ALA C 171 19.46 23.87 -10.47
CA ALA C 171 20.56 24.51 -9.77
C ALA C 171 21.89 23.88 -10.21
N LEU C 172 21.89 22.55 -10.29
CA LEU C 172 23.08 21.82 -10.71
C LEU C 172 23.56 22.30 -12.08
N SER C 173 22.66 22.26 -13.05
CA SER C 173 22.98 22.70 -14.41
C SER C 173 23.49 24.14 -14.41
N ALA C 174 22.88 24.97 -13.58
CA ALA C 174 23.25 26.39 -13.49
C ALA C 174 24.69 26.55 -12.99
N ALA C 175 25.00 25.91 -11.87
CA ALA C 175 26.34 25.97 -11.30
C ALA C 175 27.38 25.49 -12.31
N LEU C 176 27.07 24.40 -13.01
CA LEU C 176 27.99 23.83 -13.98
C LEU C 176 28.25 24.79 -15.14
N ALA C 177 27.23 25.57 -15.52
CA ALA C 177 27.40 26.56 -16.56
C ALA C 177 28.43 27.61 -16.16
N ILE C 178 28.51 27.89 -14.91
CA ILE C 178 29.57 28.75 -14.37
C ILE C 178 30.91 28.03 -14.48
N GLY C 179 30.93 26.81 -14.15
CA GLY C 179 32.11 25.99 -14.34
C GLY C 179 33.12 26.04 -13.21
N ASN C 180 34.14 25.20 -13.30
CA ASN C 180 35.17 25.12 -12.26
C ASN C 180 34.63 24.68 -10.91
N ILE C 181 33.49 24.00 -10.91
CA ILE C 181 32.95 23.42 -9.68
C ILE C 181 33.88 22.29 -9.24
N GLU C 182 34.25 22.29 -7.96
CA GLU C 182 35.22 21.33 -7.44
C GLU C 182 34.70 19.91 -7.53
N LEU C 183 33.42 19.74 -7.23
CA LEU C 183 32.80 18.43 -7.19
C LEU C 183 31.29 18.53 -7.35
N VAL C 184 30.70 17.61 -8.11
CA VAL C 184 29.26 17.49 -8.19
C VAL C 184 28.88 16.01 -8.03
N LYS C 185 27.66 15.77 -7.55
CA LYS C 185 27.21 14.40 -7.31
C LYS C 185 25.83 14.13 -7.90
N PRO C 186 25.74 14.10 -9.24
CA PRO C 186 24.44 13.84 -9.87
C PRO C 186 24.09 12.35 -9.77
N ASN C 187 22.81 12.01 -9.77
CA ASN C 187 22.43 10.62 -9.94
C ASN C 187 22.36 10.34 -11.44
N GLN C 188 21.97 9.13 -11.81
CA GLN C 188 21.97 8.74 -13.22
C GLN C 188 20.95 9.53 -14.04
N LYS C 189 19.78 9.80 -13.47
CA LYS C 189 18.77 10.57 -14.17
C LYS C 189 19.31 11.95 -14.48
N GLU C 190 19.86 12.61 -13.47
CA GLU C 190 20.37 13.96 -13.59
C GLU C 190 21.51 14.02 -14.58
N LEU C 191 22.40 13.05 -14.49
CA LEU C 191 23.56 12.99 -15.36
C LEU C 191 23.10 12.90 -16.81
N SER C 192 22.07 12.09 -17.05
CA SER C 192 21.54 11.91 -18.40
C SER C 192 20.98 13.22 -18.95
N ALA C 193 20.31 13.98 -18.09
CA ALA C 193 19.76 15.29 -18.46
C ALA C 193 20.90 16.26 -18.77
N LEU C 194 21.91 16.27 -17.90
CA LEU C 194 23.05 17.15 -18.06
C LEU C 194 23.70 17.03 -19.44
N VAL C 195 23.92 15.81 -19.90
CA VAL C 195 24.56 15.60 -21.20
C VAL C 195 23.52 15.48 -22.31
N ASN C 196 22.26 15.59 -21.93
CA ASN C 196 21.14 15.54 -22.87
C ASN C 196 21.14 14.29 -23.75
N ARG C 197 21.27 13.12 -23.14
CA ARG C 197 21.15 11.88 -23.88
C ARG C 197 20.91 10.68 -22.98
N GLU C 198 20.29 9.66 -23.55
CA GLU C 198 20.03 8.43 -22.83
C GLU C 198 21.33 7.69 -22.54
N LEU C 199 21.44 7.15 -21.33
CA LEU C 199 22.62 6.38 -20.93
C LEU C 199 22.19 4.92 -20.82
N THR C 200 22.52 4.13 -21.83
CA THR C 200 21.96 2.79 -21.93
C THR C 200 23.00 1.70 -22.08
N GLN C 201 24.16 2.04 -22.61
CA GLN C 201 25.26 1.08 -22.77
C GLN C 201 26.11 1.02 -21.51
N PRO C 202 26.79 -0.11 -21.27
CA PRO C 202 27.59 -0.28 -20.05
C PRO C 202 28.50 0.90 -19.70
N ASP C 203 29.14 1.50 -20.71
CA ASP C 203 30.12 2.56 -20.47
C ASP C 203 29.54 3.99 -20.49
N ASP C 204 28.23 4.10 -20.65
CA ASP C 204 27.61 5.41 -20.87
C ASP C 204 27.70 6.37 -19.68
N VAL C 205 27.50 5.86 -18.47
CA VAL C 205 27.58 6.73 -17.30
C VAL C 205 28.98 7.32 -17.17
N ARG C 206 29.99 6.46 -17.33
CA ARG C 206 31.38 6.89 -17.21
C ARG C 206 31.70 7.96 -18.27
N LYS C 207 31.32 7.70 -19.51
CA LYS C 207 31.59 8.65 -20.58
C LYS C 207 30.91 10.00 -20.34
N ALA C 208 29.69 9.95 -19.81
CA ALA C 208 28.93 11.18 -19.54
C ALA C 208 29.60 12.01 -18.45
N ALA C 209 30.01 11.33 -17.38
CA ALA C 209 30.72 12.00 -16.29
C ALA C 209 32.04 12.59 -16.78
N GLN C 210 32.78 11.81 -17.56
CA GLN C 210 34.05 12.27 -18.10
C GLN C 210 33.85 13.50 -18.97
N GLU C 211 32.75 13.49 -19.73
CA GLU C 211 32.44 14.62 -20.60
C GLU C 211 32.28 15.90 -19.79
N ILE C 212 31.63 15.79 -18.63
CA ILE C 212 31.40 16.97 -17.80
C ILE C 212 32.74 17.52 -17.28
N VAL C 213 33.64 16.63 -16.87
CA VAL C 213 34.97 17.06 -16.44
C VAL C 213 35.79 17.68 -17.57
N ASN C 214 35.76 17.05 -18.73
CA ASN C 214 36.58 17.49 -19.86
C ASN C 214 36.17 18.87 -20.38
N SER C 215 34.94 19.28 -20.07
CA SER C 215 34.44 20.56 -20.52
C SER C 215 34.87 21.67 -19.57
N GLY C 216 35.42 21.29 -18.41
CA GLY C 216 35.84 22.27 -17.43
C GLY C 216 34.73 22.69 -16.48
N LYS C 217 33.52 22.16 -16.71
CA LYS C 217 32.38 22.52 -15.89
C LYS C 217 32.53 22.07 -14.44
N ALA C 218 33.00 20.85 -14.25
CA ALA C 218 33.37 20.36 -12.92
C ALA C 218 34.76 19.74 -12.93
N LYS C 219 35.48 19.86 -11.82
CA LYS C 219 36.79 19.23 -11.69
C LYS C 219 36.67 17.75 -11.41
N ARG C 220 35.60 17.37 -10.69
CA ARG C 220 35.34 15.98 -10.37
C ARG C 220 33.83 15.72 -10.45
N VAL C 221 33.46 14.57 -10.98
CA VAL C 221 32.06 14.18 -11.02
C VAL C 221 31.93 12.80 -10.37
N VAL C 222 31.12 12.73 -9.33
CA VAL C 222 30.86 11.47 -8.64
C VAL C 222 29.40 11.08 -8.81
N VAL C 223 29.14 10.11 -9.68
CA VAL C 223 27.78 9.68 -9.99
C VAL C 223 27.27 8.70 -8.93
N SER C 224 26.18 9.08 -8.27
CA SER C 224 25.55 8.22 -7.28
C SER C 224 24.75 7.13 -8.00
N LEU C 225 24.99 5.87 -7.63
CA LEU C 225 24.30 4.76 -8.28
C LEU C 225 23.44 3.95 -7.33
N GLY C 226 22.97 4.58 -6.25
CA GLY C 226 22.18 3.88 -5.26
C GLY C 226 22.91 2.69 -4.67
N PRO C 227 22.28 1.51 -4.70
CA PRO C 227 22.86 0.27 -4.17
C PRO C 227 24.19 -0.09 -4.82
N GLN C 228 24.44 0.41 -6.03
CA GLN C 228 25.66 0.08 -6.75
C GLN C 228 26.80 1.04 -6.39
N GLY C 229 26.55 1.91 -5.41
CA GLY C 229 27.58 2.77 -4.90
C GLY C 229 27.74 4.04 -5.71
N ALA C 230 28.97 4.26 -6.20
CA ALA C 230 29.28 5.49 -6.90
C ALA C 230 30.39 5.29 -7.92
N LEU C 231 30.36 6.10 -8.97
CA LEU C 231 31.39 6.07 -9.99
C LEU C 231 31.99 7.47 -10.11
N GLY C 232 33.21 7.62 -9.60
CA GLY C 232 33.88 8.90 -9.58
C GLY C 232 34.92 9.05 -10.68
N VAL C 233 35.12 10.20 -11.34
CA VAL C 233 35.98 10.53 -12.47
C VAL C 233 36.59 11.92 -12.25
N ASP C 234 37.80 12.07 -12.45
CA ASP C 234 38.42 13.38 -12.60
C ASP C 234 39.21 13.44 -13.91
N SER C 235 40.17 14.36 -14.01
CA SER C 235 40.89 14.52 -15.27
C SER C 235 41.77 13.30 -15.56
N GLU C 236 42.20 12.60 -14.54
CA GLU C 236 43.12 11.51 -14.67
C GLU C 236 42.62 10.11 -14.28
N ASN C 237 41.80 10.02 -13.27
CA ASN C 237 41.37 8.70 -12.79
C ASN C 237 39.87 8.42 -12.86
N CYS C 238 39.53 7.14 -12.77
CA CYS C 238 38.15 6.69 -12.74
C CYS C 238 38.02 5.50 -11.79
N ILE C 239 37.01 5.54 -10.91
CA ILE C 239 36.80 4.44 -9.97
C ILE C 239 35.33 4.26 -9.59
N GLN C 240 34.88 3.01 -9.60
CA GLN C 240 33.57 2.66 -9.04
C GLN C 240 33.76 1.92 -7.74
N VAL C 241 33.06 2.38 -6.70
CA VAL C 241 33.07 1.74 -5.40
C VAL C 241 31.66 1.27 -5.05
N VAL C 242 31.52 -0.02 -4.76
CA VAL C 242 30.24 -0.60 -4.37
C VAL C 242 30.22 -0.77 -2.85
N PRO C 243 29.07 -0.48 -2.21
CA PRO C 243 29.01 -0.64 -0.75
C PRO C 243 29.07 -2.12 -0.35
N PRO C 244 29.45 -2.42 0.90
CA PRO C 244 29.47 -3.81 1.38
C PRO C 244 28.06 -4.39 1.38
N PRO C 245 27.94 -5.73 1.34
CA PRO C 245 26.64 -6.40 1.32
C PRO C 245 25.94 -6.34 2.67
N VAL C 246 25.56 -5.19 3.16
CA VAL C 246 24.84 -5.14 4.42
C VAL C 246 23.47 -4.59 4.19
N LYS C 247 22.62 -4.62 5.20
CA LYS C 247 21.25 -4.15 5.08
C LYS C 247 21.20 -2.65 5.13
N SER C 248 20.41 -2.08 4.26
CA SER C 248 20.16 -0.67 4.24
C SER C 248 18.78 -0.39 4.77
N GLN C 249 18.69 0.36 5.83
CA GLN C 249 17.48 0.76 6.52
C GLN C 249 16.84 1.97 5.85
N SER C 250 17.68 2.86 5.32
CA SER C 250 17.21 4.09 4.66
C SER C 250 18.21 4.58 3.61
N THR C 251 17.91 5.69 2.95
CA THR C 251 18.86 6.28 2.00
C THR C 251 18.88 7.82 1.97
N VAL C 252 18.03 8.47 2.76
CA VAL C 252 17.99 9.94 2.74
C VAL C 252 19.29 10.60 3.15
N GLY C 253 19.89 10.11 4.23
CA GLY C 253 21.10 10.71 4.77
C GLY C 253 22.34 10.36 3.97
N ALA C 254 22.23 9.37 3.08
CA ALA C 254 23.38 8.90 2.32
C ALA C 254 24.00 10.02 1.50
N GLY C 255 23.16 10.74 0.77
CA GLY C 255 23.65 11.80 -0.09
C GLY C 255 24.52 12.81 0.63
N ASP C 256 23.96 13.41 1.68
CA ASP C 256 24.64 14.46 2.43
C ASP C 256 25.86 13.92 3.17
N SER C 257 25.78 12.67 3.64
CA SER C 257 26.90 12.05 4.33
C SER C 257 28.06 11.79 3.38
N MET C 258 27.74 11.32 2.18
CA MET C 258 28.74 11.08 1.15
C MET C 258 29.48 12.35 0.81
N VAL C 259 28.72 13.42 0.58
CA VAL C 259 29.31 14.71 0.22
C VAL C 259 30.20 15.22 1.35
N GLY C 260 29.75 15.05 2.60
CA GLY C 260 30.55 15.44 3.74
C GLY C 260 31.88 14.70 3.78
N ALA C 261 31.82 13.39 3.58
CA ALA C 261 33.02 12.55 3.62
C ALA C 261 33.99 12.91 2.50
N MET C 262 33.45 13.11 1.29
CA MET C 262 34.28 13.45 0.14
C MET C 262 34.90 14.83 0.30
N THR C 263 34.13 15.75 0.86
CA THR C 263 34.62 17.11 1.09
C THR C 263 35.80 17.09 2.07
N LEU C 264 35.67 16.29 3.12
CA LEU C 264 36.71 16.16 4.14
C LEU C 264 38.01 15.66 3.51
N LYS C 265 37.90 14.63 2.71
CA LYS C 265 39.01 14.05 2.01
C LYS C 265 39.64 15.05 1.07
N LEU C 266 38.84 15.83 0.35
CA LEU C 266 39.33 16.88 -0.53
C LEU C 266 40.08 17.94 0.25
N ALA C 267 39.57 18.28 1.44
CA ALA C 267 40.23 19.27 2.27
C ALA C 267 41.58 18.74 2.75
N GLU C 268 41.68 17.42 2.86
CA GLU C 268 42.92 16.76 3.25
C GLU C 268 43.79 16.45 2.03
N ASN C 269 43.35 16.92 0.87
CA ASN C 269 44.08 16.68 -0.38
C ASN C 269 44.30 15.20 -0.65
N ALA C 270 43.27 14.39 -0.41
CA ALA C 270 43.35 12.95 -0.65
C ALA C 270 43.25 12.65 -2.13
N SER C 271 43.52 11.40 -2.50
CA SER C 271 43.39 10.96 -3.89
C SER C 271 41.92 10.81 -4.25
N LEU C 272 41.65 10.66 -5.53
CA LEU C 272 40.28 10.45 -6.01
C LEU C 272 39.69 9.18 -5.41
N GLU C 273 40.46 8.10 -5.45
CA GLU C 273 39.98 6.81 -4.98
C GLU C 273 39.70 6.82 -3.47
N GLU C 274 40.57 7.48 -2.70
CA GLU C 274 40.31 7.70 -1.28
C GLU C 274 39.02 8.47 -1.08
N MET C 275 38.86 9.57 -1.82
CA MET C 275 37.67 10.40 -1.75
C MET C 275 36.40 9.60 -2.01
N VAL C 276 36.36 8.87 -3.13
CA VAL C 276 35.17 8.09 -3.49
C VAL C 276 34.92 6.95 -2.52
N ARG C 277 35.97 6.22 -2.14
CA ARG C 277 35.81 5.16 -1.15
C ARG C 277 35.26 5.68 0.18
N PHE C 278 35.77 6.83 0.63
CA PHE C 278 35.33 7.40 1.89
C PHE C 278 33.88 7.87 1.78
N GLY C 279 33.53 8.41 0.61
CA GLY C 279 32.17 8.85 0.35
C GLY C 279 31.18 7.71 0.42
N VAL C 280 31.50 6.60 -0.25
CA VAL C 280 30.62 5.44 -0.25
C VAL C 280 30.53 4.79 1.13
N ALA C 281 31.66 4.74 1.83
CA ALA C 281 31.66 4.25 3.20
C ALA C 281 30.72 5.09 4.07
N ALA C 282 30.78 6.41 3.92
CA ALA C 282 29.92 7.30 4.71
C ALA C 282 28.45 7.19 4.29
N GLY C 283 28.20 7.17 2.97
CA GLY C 283 26.85 6.96 2.48
C GLY C 283 26.28 5.65 2.98
N SER C 284 27.05 4.58 2.81
CA SER C 284 26.63 3.26 3.28
C SER C 284 26.35 3.25 4.78
N ALA C 285 27.24 3.82 5.57
CA ALA C 285 27.04 3.93 7.01
C ALA C 285 25.72 4.63 7.32
N ALA C 286 25.43 5.70 6.60
CA ALA C 286 24.20 6.46 6.80
C ALA C 286 22.96 5.62 6.55
N THR C 287 23.01 4.77 5.52
CA THR C 287 21.86 3.94 5.16
C THR C 287 21.56 2.88 6.20
N LEU C 288 22.44 2.74 7.18
CA LEU C 288 22.24 1.77 8.25
C LEU C 288 21.16 2.22 9.23
N ASN C 289 21.00 3.53 9.36
CA ASN C 289 20.04 4.11 10.29
C ASN C 289 18.75 4.52 9.58
N GLN C 290 17.79 4.97 10.26
CA GLN C 290 16.49 5.28 9.72
C GLN C 290 16.42 6.59 8.95
N GLY C 291 17.47 7.39 9.04
CA GLY C 291 17.53 8.56 8.19
C GLY C 291 18.23 9.81 8.71
N THR C 292 17.72 10.39 9.78
CA THR C 292 18.18 11.72 10.20
C THR C 292 19.47 11.71 11.03
N ARG C 293 19.95 10.52 11.40
CA ARG C 293 21.15 10.43 12.22
C ARG C 293 22.45 10.55 11.42
N LEU C 294 22.37 10.25 10.13
CA LEU C 294 23.54 10.33 9.25
C LEU C 294 24.59 9.28 9.60
N CYS C 295 25.77 9.41 9.02
CA CYS C 295 26.84 8.43 9.20
C CYS C 295 27.54 8.55 10.55
N SER C 296 27.71 7.43 11.25
CA SER C 296 28.50 7.42 12.48
C SER C 296 29.97 7.25 12.17
N HIS C 297 30.82 7.70 13.09
CA HIS C 297 32.26 7.60 12.91
C HIS C 297 32.73 6.16 12.80
N ASP C 298 32.22 5.29 13.68
CA ASP C 298 32.68 3.92 13.75
C ASP C 298 32.22 3.09 12.55
N ASP C 299 30.95 3.22 12.20
CA ASP C 299 30.43 2.51 11.04
C ASP C 299 31.21 2.89 9.78
N THR C 300 31.47 4.17 9.61
CA THR C 300 32.16 4.66 8.42
C THR C 300 33.59 4.15 8.38
N GLN C 301 34.27 4.18 9.51
CA GLN C 301 35.65 3.73 9.56
C GLN C 301 35.75 2.23 9.28
N LYS C 302 34.82 1.46 9.85
CA LYS C 302 34.79 0.02 9.61
C LYS C 302 34.54 -0.27 8.14
N ILE C 303 33.51 0.35 7.57
CA ILE C 303 33.19 0.16 6.16
C ILE C 303 34.34 0.63 5.26
N TYR C 304 34.91 1.79 5.60
CA TYR C 304 36.02 2.34 4.81
C TYR C 304 37.23 1.42 4.81
N ALA C 305 37.58 0.90 5.98
CA ALA C 305 38.67 -0.06 6.08
C ALA C 305 38.38 -1.29 5.22
N TYR C 306 37.13 -1.75 5.25
CA TYR C 306 36.74 -2.90 4.45
C TYR C 306 36.87 -2.61 2.96
N LEU C 307 36.35 -1.46 2.53
CA LEU C 307 36.35 -1.09 1.12
C LEU C 307 37.77 -0.88 0.61
N SER C 308 38.67 -0.51 1.50
CA SER C 308 40.03 -0.15 1.10
C SER C 308 40.98 -1.34 1.08
N ARG C 309 40.44 -2.52 1.37
CA ARG C 309 41.24 -3.75 1.36
C ARG C 309 41.85 -3.99 -0.02
N MET D 1 -45.68 -19.63 -6.18
CA MET D 1 -44.40 -19.10 -6.56
C MET D 1 -43.97 -19.52 -7.96
N VAL D 2 -43.63 -18.56 -8.80
CA VAL D 2 -43.35 -18.80 -10.22
C VAL D 2 -41.91 -19.23 -10.41
N ARG D 3 -41.61 -19.81 -11.57
CA ARG D 3 -40.27 -20.34 -11.81
C ARG D 3 -39.25 -19.23 -12.06
N ILE D 4 -38.02 -19.48 -11.68
CA ILE D 4 -36.94 -18.52 -11.88
C ILE D 4 -35.86 -19.10 -12.78
N TYR D 5 -35.38 -18.27 -13.70
CA TYR D 5 -34.25 -18.62 -14.54
C TYR D 5 -33.23 -17.49 -14.46
N THR D 6 -31.98 -17.81 -14.74
CA THR D 6 -30.96 -16.78 -14.89
C THR D 6 -30.21 -16.98 -16.20
N LEU D 7 -29.74 -15.88 -16.77
CA LEU D 7 -28.93 -15.93 -17.98
C LEU D 7 -27.57 -15.32 -17.68
N THR D 8 -26.51 -16.09 -17.89
CA THR D 8 -25.14 -15.61 -17.72
C THR D 8 -24.39 -15.75 -19.04
N LEU D 9 -24.30 -14.65 -19.78
CA LEU D 9 -23.67 -14.68 -21.10
C LEU D 9 -22.16 -14.88 -20.99
N ALA D 10 -21.60 -14.56 -19.83
CA ALA D 10 -20.17 -14.68 -19.59
C ALA D 10 -19.91 -15.37 -18.25
N PRO D 11 -20.06 -16.70 -18.22
CA PRO D 11 -19.80 -17.45 -16.99
C PRO D 11 -18.33 -17.39 -16.62
N SER D 12 -18.00 -17.84 -15.41
CA SER D 12 -16.61 -17.89 -14.99
C SER D 12 -16.40 -19.08 -14.06
N LEU D 13 -15.31 -19.80 -14.26
CA LEU D 13 -14.84 -20.76 -13.27
C LEU D 13 -13.92 -19.98 -12.34
N ASP D 14 -14.44 -19.62 -11.17
CA ASP D 14 -13.69 -18.82 -10.21
C ASP D 14 -12.73 -19.69 -9.41
N SER D 15 -11.51 -19.20 -9.21
CA SER D 15 -10.59 -19.85 -8.29
C SER D 15 -10.25 -18.88 -7.15
N ALA D 16 -10.52 -19.31 -5.92
CA ALA D 16 -10.22 -18.48 -4.77
C ALA D 16 -8.97 -18.99 -4.09
N THR D 17 -8.05 -18.08 -3.78
CA THR D 17 -6.83 -18.48 -3.08
C THR D 17 -6.54 -17.50 -1.95
N ILE D 18 -5.61 -17.88 -1.07
CA ILE D 18 -5.23 -17.05 0.07
C ILE D 18 -3.73 -16.84 0.04
N THR D 19 -3.28 -15.65 0.43
CA THR D 19 -1.86 -15.33 0.47
C THR D 19 -1.61 -14.38 1.64
N PRO D 20 -0.50 -14.57 2.37
CA PRO D 20 -0.20 -13.76 3.56
C PRO D 20 -0.33 -12.27 3.30
N GLN D 21 0.36 -11.76 2.28
CA GLN D 21 0.26 -10.34 1.96
C GLN D 21 0.44 -10.02 0.49
N ILE D 22 0.22 -8.76 0.13
CA ILE D 22 0.32 -8.36 -1.27
C ILE D 22 1.30 -7.20 -1.47
N TYR D 23 2.24 -7.41 -2.39
CA TYR D 23 3.21 -6.39 -2.76
C TYR D 23 3.77 -6.73 -4.13
N PRO D 24 4.32 -5.75 -4.82
CA PRO D 24 4.90 -5.95 -6.13
C PRO D 24 6.22 -6.68 -6.16
N GLU D 25 6.53 -7.24 -7.31
CA GLU D 25 7.79 -7.90 -7.62
C GLU D 25 8.05 -9.30 -7.09
N GLY D 26 7.89 -9.49 -5.80
CA GLY D 26 8.18 -10.78 -5.19
C GLY D 26 7.13 -11.83 -5.47
N LYS D 27 7.51 -13.10 -5.32
CA LYS D 27 6.56 -14.19 -5.48
C LYS D 27 5.62 -14.24 -4.28
N LEU D 28 4.33 -14.05 -4.54
CA LEU D 28 3.32 -14.15 -3.49
C LEU D 28 2.80 -15.58 -3.44
N ARG D 29 3.17 -16.29 -2.37
CA ARG D 29 2.80 -17.68 -2.19
C ARG D 29 1.31 -17.82 -1.91
N CYS D 30 0.60 -18.47 -2.83
CA CYS D 30 -0.84 -18.65 -2.69
C CYS D 30 -1.20 -20.09 -2.37
N THR D 31 -2.30 -20.28 -1.65
CA THR D 31 -2.77 -21.61 -1.31
C THR D 31 -3.42 -22.28 -2.51
N ALA D 32 -3.48 -23.61 -2.47
CA ALA D 32 -4.18 -24.38 -3.49
C ALA D 32 -5.56 -23.79 -3.75
N PRO D 33 -5.87 -23.48 -5.01
CA PRO D 33 -7.12 -22.77 -5.36
C PRO D 33 -8.37 -23.58 -5.06
N VAL D 34 -9.40 -22.90 -4.57
CA VAL D 34 -10.71 -23.52 -4.41
C VAL D 34 -11.59 -23.09 -5.57
N PHE D 35 -12.08 -24.05 -6.32
CA PHE D 35 -12.89 -23.75 -7.49
C PHE D 35 -14.36 -23.53 -7.14
N GLU D 36 -14.95 -22.48 -7.71
CA GLU D 36 -16.36 -22.20 -7.49
C GLU D 36 -17.01 -21.68 -8.77
N PRO D 37 -18.25 -22.08 -9.03
CA PRO D 37 -18.99 -21.62 -10.21
C PRO D 37 -19.24 -20.13 -10.10
N GLY D 38 -18.90 -19.37 -11.13
CA GLY D 38 -18.99 -17.92 -11.06
C GLY D 38 -19.73 -17.29 -12.24
N GLY D 39 -19.79 -15.97 -12.26
CA GLY D 39 -20.56 -15.26 -13.26
C GLY D 39 -21.88 -14.82 -12.65
N GLY D 40 -22.40 -13.68 -13.12
CA GLY D 40 -23.54 -13.05 -12.47
C GLY D 40 -24.80 -13.89 -12.30
N GLY D 41 -25.38 -14.32 -13.42
CA GLY D 41 -26.60 -15.11 -13.36
C GLY D 41 -26.39 -16.40 -12.59
N ILE D 42 -25.19 -16.96 -12.70
CA ILE D 42 -24.85 -18.20 -12.01
C ILE D 42 -24.81 -18.00 -10.50
N ASN D 43 -24.18 -16.91 -10.07
CA ASN D 43 -24.16 -16.58 -8.65
C ASN D 43 -25.57 -16.32 -8.11
N VAL D 44 -26.40 -15.65 -8.92
CA VAL D 44 -27.78 -15.42 -8.55
C VAL D 44 -28.51 -16.74 -8.30
N ALA D 45 -28.30 -17.70 -9.19
CA ALA D 45 -28.94 -19.01 -9.09
C ALA D 45 -28.41 -19.82 -7.88
N ARG D 46 -27.13 -19.67 -7.57
CA ARG D 46 -26.56 -20.35 -6.41
C ARG D 46 -27.09 -19.77 -5.10
N ALA D 47 -27.20 -18.44 -5.03
CA ALA D 47 -27.74 -17.79 -3.84
C ALA D 47 -29.17 -18.26 -3.57
N ILE D 48 -29.98 -18.29 -4.63
CA ILE D 48 -31.35 -18.74 -4.51
C ILE D 48 -31.41 -20.19 -4.01
N ALA D 49 -30.49 -21.03 -4.47
CA ALA D 49 -30.42 -22.41 -3.99
C ALA D 49 -30.07 -22.44 -2.52
N HIS D 50 -29.05 -21.66 -2.14
CA HIS D 50 -28.64 -21.56 -0.74
C HIS D 50 -29.82 -21.15 0.14
N LEU D 51 -30.70 -20.32 -0.41
CA LEU D 51 -31.81 -19.78 0.35
C LEU D 51 -33.06 -20.68 0.33
N GLY D 52 -32.92 -21.86 -0.28
CA GLY D 52 -33.98 -22.85 -0.25
C GLY D 52 -34.94 -22.77 -1.42
N GLY D 53 -34.59 -21.95 -2.41
CA GLY D 53 -35.40 -21.85 -3.61
C GLY D 53 -34.71 -22.60 -4.74
N SER D 54 -35.23 -22.44 -5.95
CA SER D 54 -34.57 -23.03 -7.11
C SER D 54 -34.61 -22.09 -8.31
N ALA D 55 -33.51 -22.02 -9.05
CA ALA D 55 -33.43 -21.23 -10.27
C ALA D 55 -32.57 -21.97 -11.29
N THR D 56 -33.03 -21.99 -12.53
CA THR D 56 -32.29 -22.67 -13.59
C THR D 56 -31.33 -21.71 -14.28
N ALA D 57 -30.04 -22.04 -14.23
CA ALA D 57 -29.03 -21.18 -14.83
C ALA D 57 -28.77 -21.56 -16.29
N ILE D 58 -29.06 -20.61 -17.18
CA ILE D 58 -28.80 -20.76 -18.59
C ILE D 58 -27.46 -20.10 -18.90
N PHE D 59 -26.57 -20.83 -19.57
CA PHE D 59 -25.26 -20.27 -19.92
C PHE D 59 -24.51 -21.12 -20.93
N PRO D 60 -23.51 -20.53 -21.61
CA PRO D 60 -22.60 -21.26 -22.49
C PRO D 60 -21.48 -21.88 -21.66
N ALA D 61 -21.14 -23.14 -21.96
CA ALA D 61 -20.00 -23.77 -21.32
C ALA D 61 -19.06 -24.29 -22.40
N GLY D 62 -17.76 -24.04 -22.23
CA GLY D 62 -16.78 -24.50 -23.19
C GLY D 62 -15.54 -25.07 -22.54
N GLY D 63 -14.95 -26.08 -23.17
CA GLY D 63 -13.70 -26.67 -22.70
C GLY D 63 -13.80 -27.35 -21.36
N ALA D 64 -12.65 -27.71 -20.81
CA ALA D 64 -12.58 -28.42 -19.53
C ALA D 64 -13.03 -27.53 -18.37
N THR D 65 -12.71 -26.24 -18.47
CA THR D 65 -13.13 -25.29 -17.46
C THR D 65 -14.66 -25.25 -17.43
N GLY D 66 -15.25 -25.25 -18.62
CA GLY D 66 -16.69 -25.34 -18.77
C GLY D 66 -17.24 -26.56 -18.06
N GLU D 67 -16.68 -27.72 -18.35
CA GLU D 67 -17.14 -28.97 -17.74
C GLU D 67 -16.97 -28.91 -16.22
N HIS D 68 -15.87 -28.31 -15.78
CA HIS D 68 -15.59 -28.15 -14.35
C HIS D 68 -16.67 -27.30 -13.71
N LEU D 69 -17.02 -26.20 -14.38
CA LEU D 69 -18.07 -25.32 -13.91
C LEU D 69 -19.39 -26.09 -13.75
N VAL D 70 -19.79 -26.76 -14.83
CA VAL D 70 -21.02 -27.55 -14.81
C VAL D 70 -21.03 -28.60 -13.69
N SER D 71 -19.90 -29.27 -13.49
CA SER D 71 -19.79 -30.31 -12.46
C SER D 71 -20.00 -29.73 -11.05
N LEU D 72 -19.49 -28.53 -10.83
CA LEU D 72 -19.64 -27.87 -9.53
C LEU D 72 -21.09 -27.47 -9.26
N LEU D 73 -21.79 -27.03 -10.30
CA LEU D 73 -23.19 -26.65 -10.14
C LEU D 73 -24.05 -27.88 -9.82
N ALA D 74 -23.68 -29.01 -10.41
CA ALA D 74 -24.37 -30.27 -10.11
C ALA D 74 -24.22 -30.60 -8.63
N ASP D 75 -22.99 -30.48 -8.12
CA ASP D 75 -22.71 -30.71 -6.71
C ASP D 75 -23.58 -29.82 -5.82
N GLU D 76 -23.70 -28.56 -6.21
CA GLU D 76 -24.50 -27.60 -5.44
C GLU D 76 -25.98 -27.70 -5.77
N ASN D 77 -26.34 -28.68 -6.60
CA ASN D 77 -27.73 -28.93 -6.95
C ASN D 77 -28.45 -27.73 -7.57
N VAL D 78 -27.70 -26.95 -8.35
CA VAL D 78 -28.28 -25.86 -9.12
C VAL D 78 -28.62 -26.37 -10.52
N PRO D 79 -29.92 -26.39 -10.86
CA PRO D 79 -30.31 -26.85 -12.20
C PRO D 79 -29.71 -25.96 -13.27
N VAL D 80 -29.23 -26.56 -14.37
CA VAL D 80 -28.67 -25.77 -15.46
C VAL D 80 -29.30 -26.10 -16.79
N ALA D 81 -29.11 -25.19 -17.74
CA ALA D 81 -29.44 -25.42 -19.13
C ALA D 81 -28.29 -24.82 -19.92
N THR D 82 -27.43 -25.68 -20.45
CA THR D 82 -26.19 -25.22 -21.04
C THR D 82 -26.18 -25.28 -22.56
N VAL D 83 -25.34 -24.44 -23.15
CA VAL D 83 -25.08 -24.45 -24.57
C VAL D 83 -23.58 -24.69 -24.77
N GLU D 84 -23.24 -25.61 -25.66
CA GLU D 84 -21.84 -25.90 -25.94
C GLU D 84 -21.17 -24.75 -26.70
N ALA D 85 -20.07 -24.26 -26.16
CA ALA D 85 -19.34 -23.17 -26.79
C ALA D 85 -17.91 -23.58 -27.17
N LYS D 86 -17.42 -23.04 -28.27
CA LYS D 86 -16.07 -23.36 -28.73
C LYS D 86 -15.00 -22.79 -27.79
N ASP D 87 -15.14 -21.53 -27.43
CA ASP D 87 -14.14 -20.88 -26.59
C ASP D 87 -14.28 -21.38 -25.15
N TRP D 88 -13.15 -21.60 -24.49
CA TRP D 88 -13.15 -22.12 -23.12
C TRP D 88 -13.70 -21.10 -22.12
N THR D 89 -14.52 -21.59 -21.20
CA THR D 89 -14.99 -20.79 -20.07
C THR D 89 -13.79 -20.16 -19.38
N ARG D 90 -13.89 -18.86 -19.09
CA ARG D 90 -12.78 -18.12 -18.49
C ARG D 90 -12.55 -18.53 -17.03
N GLN D 91 -11.38 -18.18 -16.51
CA GLN D 91 -11.07 -18.39 -15.11
C GLN D 91 -10.68 -17.07 -14.49
N ASN D 92 -11.40 -16.67 -13.45
CA ASN D 92 -11.07 -15.45 -12.73
C ASN D 92 -10.44 -15.81 -11.39
N LEU D 93 -9.42 -15.06 -10.98
CA LEU D 93 -8.71 -15.34 -9.74
C LEU D 93 -9.10 -14.37 -8.64
N HIS D 94 -9.48 -14.91 -7.48
CA HIS D 94 -9.82 -14.10 -6.32
C HIS D 94 -8.78 -14.37 -5.24
N VAL D 95 -8.12 -13.31 -4.80
CA VAL D 95 -7.03 -13.47 -3.83
C VAL D 95 -7.40 -12.80 -2.54
N HIS D 96 -7.55 -13.60 -1.49
CA HIS D 96 -7.76 -13.05 -0.15
C HIS D 96 -6.42 -12.86 0.54
N VAL D 97 -6.14 -11.64 0.97
CA VAL D 97 -4.90 -11.33 1.66
C VAL D 97 -5.11 -11.38 3.17
N GLU D 98 -4.46 -12.33 3.83
CA GLU D 98 -4.64 -12.55 5.28
C GLU D 98 -4.28 -11.34 6.14
N ALA D 99 -3.16 -10.69 5.82
CA ALA D 99 -2.68 -9.58 6.63
C ALA D 99 -3.69 -8.45 6.73
N SER D 100 -4.39 -8.18 5.62
CA SER D 100 -5.27 -7.03 5.53
C SER D 100 -6.75 -7.40 5.53
N GLY D 101 -7.04 -8.68 5.32
CA GLY D 101 -8.42 -9.14 5.20
C GLY D 101 -9.04 -8.68 3.88
N GLU D 102 -8.22 -8.07 3.03
CA GLU D 102 -8.68 -7.57 1.75
C GLU D 102 -8.81 -8.68 0.72
N GLN D 103 -9.69 -8.50 -0.26
CA GLN D 103 -9.77 -9.44 -1.37
C GLN D 103 -9.57 -8.74 -2.71
N TYR D 104 -8.76 -9.33 -3.57
CA TYR D 104 -8.50 -8.77 -4.89
C TYR D 104 -9.11 -9.66 -5.97
N ARG D 105 -9.70 -9.03 -6.98
CA ARG D 105 -10.43 -9.79 -8.00
C ARG D 105 -9.91 -9.50 -9.39
N PHE D 106 -9.30 -10.51 -9.99
CA PHE D 106 -8.76 -10.36 -11.33
C PHE D 106 -9.69 -10.99 -12.36
N VAL D 107 -10.45 -10.13 -13.04
CA VAL D 107 -11.54 -10.55 -13.89
C VAL D 107 -11.16 -10.48 -15.36
N MET D 108 -10.94 -11.67 -15.95
CA MET D 108 -10.58 -11.79 -17.35
C MET D 108 -11.82 -11.59 -18.23
N PRO D 109 -11.61 -11.48 -19.55
CA PRO D 109 -12.76 -11.33 -20.44
C PRO D 109 -13.57 -12.62 -20.52
N GLY D 110 -14.89 -12.50 -20.65
CA GLY D 110 -15.72 -13.66 -20.84
C GLY D 110 -15.29 -14.39 -22.10
N ALA D 111 -15.59 -15.69 -22.17
CA ALA D 111 -15.31 -16.45 -23.37
C ALA D 111 -16.11 -15.88 -24.53
N ALA D 112 -15.53 -15.90 -25.74
CA ALA D 112 -16.24 -15.41 -26.91
C ALA D 112 -17.47 -16.27 -27.18
N LEU D 113 -18.48 -15.67 -27.78
CA LEU D 113 -19.63 -16.38 -28.24
C LEU D 113 -19.89 -16.07 -29.70
N ASN D 114 -19.91 -17.07 -30.53
CA ASN D 114 -20.22 -16.88 -31.93
C ASN D 114 -21.72 -16.71 -32.14
N GLU D 115 -22.11 -16.30 -33.32
CA GLU D 115 -23.49 -16.01 -33.60
C GLU D 115 -24.38 -17.24 -33.40
N ASP D 116 -23.90 -18.39 -33.81
CA ASP D 116 -24.64 -19.61 -33.63
C ASP D 116 -24.84 -20.00 -32.17
N GLU D 117 -23.83 -19.84 -31.36
CA GLU D 117 -23.95 -20.12 -29.93
C GLU D 117 -24.91 -19.15 -29.25
N PHE D 118 -24.88 -17.89 -29.65
CA PHE D 118 -25.82 -16.93 -29.09
C PHE D 118 -27.24 -17.31 -29.46
N ARG D 119 -27.44 -17.75 -30.70
CA ARG D 119 -28.77 -18.15 -31.14
C ARG D 119 -29.33 -19.26 -30.25
N GLN D 120 -28.48 -20.23 -29.91
CA GLN D 120 -28.91 -21.35 -29.07
C GLN D 120 -29.30 -20.86 -27.69
N LEU D 121 -28.51 -19.94 -27.16
CA LEU D 121 -28.85 -19.32 -25.88
C LEU D 121 -30.20 -18.64 -25.95
N GLU D 122 -30.42 -17.86 -27.01
CA GLU D 122 -31.69 -17.18 -27.20
C GLU D 122 -32.81 -18.22 -27.26
N GLU D 123 -32.55 -19.33 -27.96
CA GLU D 123 -33.52 -20.41 -28.06
C GLU D 123 -33.94 -20.91 -26.69
N GLN D 124 -32.96 -21.17 -25.83
CA GLN D 124 -33.24 -21.64 -24.48
C GLN D 124 -34.06 -20.63 -23.69
N VAL D 125 -33.70 -19.37 -23.81
CA VAL D 125 -34.40 -18.31 -23.09
C VAL D 125 -35.87 -18.24 -23.52
N LEU D 126 -36.13 -18.39 -24.82
CA LEU D 126 -37.50 -18.28 -25.32
C LEU D 126 -38.31 -19.57 -25.17
N GLU D 127 -37.72 -20.58 -24.53
CA GLU D 127 -38.48 -21.74 -24.10
C GLU D 127 -39.03 -21.52 -22.70
N ILE D 128 -38.67 -20.39 -22.10
CA ILE D 128 -39.19 -20.04 -20.78
C ILE D 128 -40.70 -19.76 -20.82
N GLU D 129 -41.42 -20.31 -19.84
CA GLU D 129 -42.87 -20.17 -19.78
C GLU D 129 -43.30 -18.75 -19.42
N SER D 130 -44.46 -18.34 -19.92
CA SER D 130 -44.99 -17.02 -19.62
C SER D 130 -45.14 -16.80 -18.11
N GLY D 131 -44.76 -15.62 -17.64
CA GLY D 131 -44.92 -15.29 -16.23
C GLY D 131 -43.73 -15.68 -15.38
N ALA D 132 -42.85 -16.52 -15.91
CA ALA D 132 -41.64 -16.88 -15.18
C ALA D 132 -40.73 -15.66 -15.11
N ILE D 133 -39.74 -15.72 -14.23
CA ILE D 133 -38.80 -14.62 -14.08
C ILE D 133 -37.43 -14.98 -14.66
N LEU D 134 -36.87 -14.07 -15.44
CA LEU D 134 -35.53 -14.25 -15.98
C LEU D 134 -34.61 -13.15 -15.47
N VAL D 135 -33.55 -13.55 -14.78
CA VAL D 135 -32.52 -12.61 -14.34
C VAL D 135 -31.33 -12.63 -15.29
N ILE D 136 -31.09 -11.52 -15.96
CA ILE D 136 -29.91 -11.39 -16.81
C ILE D 136 -28.84 -10.65 -16.03
N SER D 137 -27.76 -11.36 -15.71
CA SER D 137 -26.75 -10.82 -14.79
C SER D 137 -25.34 -11.11 -15.28
N GLY D 138 -24.47 -10.11 -15.24
CA GLY D 138 -23.08 -10.29 -15.60
C GLY D 138 -22.72 -9.53 -16.87
N SER D 139 -21.43 -9.50 -17.19
CA SER D 139 -20.95 -8.75 -18.35
C SER D 139 -21.32 -9.40 -19.69
N LEU D 140 -21.28 -8.61 -20.75
CA LEU D 140 -21.50 -9.12 -22.10
C LEU D 140 -20.19 -9.68 -22.65
N PRO D 141 -20.24 -10.90 -23.21
CA PRO D 141 -19.03 -11.57 -23.72
C PRO D 141 -18.62 -11.03 -25.08
N PRO D 142 -17.32 -11.08 -25.39
CA PRO D 142 -16.86 -10.70 -26.73
C PRO D 142 -17.67 -11.41 -27.81
N GLY D 143 -18.04 -10.69 -28.86
CA GLY D 143 -18.80 -11.26 -29.95
C GLY D 143 -20.28 -10.90 -29.89
N VAL D 144 -20.75 -10.52 -28.71
CA VAL D 144 -22.13 -10.16 -28.53
C VAL D 144 -22.39 -8.63 -28.60
N LYS D 145 -23.13 -8.23 -29.62
CA LYS D 145 -23.54 -6.85 -29.79
C LYS D 145 -24.63 -6.54 -28.80
N LEU D 146 -24.66 -5.29 -28.37
CA LEU D 146 -25.62 -4.83 -27.42
C LEU D 146 -27.03 -4.96 -27.95
N GLU D 147 -27.19 -4.71 -29.25
CA GLU D 147 -28.50 -4.78 -29.90
C GLU D 147 -29.13 -6.16 -29.75
N LYS D 148 -28.31 -7.20 -29.83
CA LYS D 148 -28.83 -8.56 -29.75
C LYS D 148 -29.41 -8.85 -28.38
N LEU D 149 -28.76 -8.33 -27.34
CA LEU D 149 -29.27 -8.50 -25.99
C LEU D 149 -30.59 -7.76 -25.87
N THR D 150 -30.63 -6.56 -26.44
CA THR D 150 -31.82 -5.73 -26.45
C THR D 150 -32.99 -6.42 -27.14
N GLN D 151 -32.72 -7.01 -28.29
CA GLN D 151 -33.77 -7.70 -29.03
C GLN D 151 -34.26 -8.93 -28.25
N LEU D 152 -33.34 -9.61 -27.59
CA LEU D 152 -33.67 -10.79 -26.80
C LEU D 152 -34.62 -10.42 -25.66
N ILE D 153 -34.33 -9.32 -24.98
CA ILE D 153 -35.19 -8.84 -23.90
C ILE D 153 -36.59 -8.50 -24.40
N SER D 154 -36.65 -7.81 -25.53
CA SER D 154 -37.94 -7.47 -26.15
C SER D 154 -38.72 -8.72 -26.49
N ALA D 155 -38.07 -9.68 -27.16
CA ALA D 155 -38.73 -10.92 -27.51
C ALA D 155 -39.23 -11.66 -26.27
N ALA D 156 -38.43 -11.64 -25.21
CA ALA D 156 -38.78 -12.34 -23.98
C ALA D 156 -40.03 -11.73 -23.34
N GLN D 157 -40.06 -10.40 -23.29
CA GLN D 157 -41.20 -9.70 -22.72
C GLN D 157 -42.45 -9.90 -23.56
N LYS D 158 -42.27 -10.07 -24.87
CA LYS D 158 -43.38 -10.26 -25.77
C LYS D 158 -44.17 -11.51 -25.43
N GLN D 159 -43.48 -12.52 -24.91
CA GLN D 159 -44.15 -13.76 -24.52
C GLN D 159 -44.29 -13.91 -23.01
N GLY D 160 -44.32 -12.79 -22.30
CA GLY D 160 -44.66 -12.78 -20.89
C GLY D 160 -43.54 -13.07 -19.91
N ILE D 161 -42.32 -13.23 -20.40
CA ILE D 161 -41.18 -13.45 -19.51
C ILE D 161 -40.84 -12.15 -18.78
N ARG D 162 -40.74 -12.22 -17.46
CA ARG D 162 -40.52 -11.03 -16.65
C ARG D 162 -39.03 -10.86 -16.38
N CYS D 163 -38.45 -9.79 -16.89
CA CYS D 163 -37.00 -9.66 -16.93
C CYS D 163 -36.38 -8.76 -15.84
N ILE D 164 -35.35 -9.30 -15.18
CA ILE D 164 -34.55 -8.52 -14.25
C ILE D 164 -33.16 -8.37 -14.86
N VAL D 165 -32.63 -7.15 -14.83
CA VAL D 165 -31.33 -6.88 -15.44
C VAL D 165 -30.32 -6.31 -14.45
N ASP D 166 -29.20 -7.02 -14.29
CA ASP D 166 -28.09 -6.54 -13.48
C ASP D 166 -26.79 -6.75 -14.26
N SER D 167 -26.34 -5.72 -14.96
CA SER D 167 -25.21 -5.86 -15.88
C SER D 167 -24.40 -4.57 -15.98
N SER D 168 -23.75 -4.37 -17.13
CA SER D 168 -22.98 -3.15 -17.37
C SER D 168 -23.91 -1.95 -17.48
N GLY D 169 -23.34 -0.76 -17.38
CA GLY D 169 -24.12 0.47 -17.50
C GLY D 169 -24.80 0.58 -18.84
N GLU D 170 -24.11 0.17 -19.90
CA GLU D 170 -24.66 0.24 -21.25
C GLU D 170 -25.88 -0.69 -21.40
N ALA D 171 -25.72 -1.94 -20.94
CA ALA D 171 -26.83 -2.88 -20.95
C ALA D 171 -27.96 -2.38 -20.07
N LEU D 172 -27.60 -1.78 -18.94
CA LEU D 172 -28.60 -1.26 -18.02
C LEU D 172 -29.44 -0.19 -18.72
N SER D 173 -28.77 0.84 -19.23
CA SER D 173 -29.45 1.90 -19.98
C SER D 173 -30.31 1.36 -21.12
N ALA D 174 -29.74 0.45 -21.91
CA ALA D 174 -30.44 -0.10 -23.06
C ALA D 174 -31.68 -0.87 -22.62
N ALA D 175 -31.57 -1.59 -21.51
CA ALA D 175 -32.69 -2.36 -20.98
C ALA D 175 -33.81 -1.44 -20.48
N LEU D 176 -33.43 -0.39 -19.75
CA LEU D 176 -34.42 0.58 -19.29
C LEU D 176 -35.10 1.26 -20.49
N ALA D 177 -34.37 1.39 -21.59
CA ALA D 177 -34.94 1.99 -22.79
C ALA D 177 -36.06 1.12 -23.37
N ILE D 178 -35.91 -0.20 -23.28
CA ILE D 178 -37.01 -1.10 -23.64
C ILE D 178 -38.17 -0.90 -22.69
N GLY D 179 -37.84 -0.72 -21.40
CA GLY D 179 -38.86 -0.43 -20.41
C GLY D 179 -39.50 -1.67 -19.81
N ASN D 180 -40.27 -1.46 -18.75
CA ASN D 180 -40.98 -2.53 -18.06
C ASN D 180 -40.07 -3.61 -17.49
N ILE D 181 -38.83 -3.24 -17.17
CA ILE D 181 -37.94 -4.14 -16.45
C ILE D 181 -38.47 -4.36 -15.02
N GLU D 182 -38.59 -5.62 -14.62
CA GLU D 182 -39.19 -5.95 -13.33
C GLU D 182 -38.42 -5.37 -12.15
N LEU D 183 -37.10 -5.30 -12.28
CA LEU D 183 -36.24 -4.83 -11.21
C LEU D 183 -34.84 -4.54 -11.72
N VAL D 184 -34.26 -3.44 -11.25
CA VAL D 184 -32.86 -3.14 -11.49
C VAL D 184 -32.22 -2.75 -10.16
N LYS D 185 -30.91 -2.95 -10.04
CA LYS D 185 -30.21 -2.69 -8.79
C LYS D 185 -28.90 -1.91 -9.00
N PRO D 186 -29.00 -0.65 -9.42
CA PRO D 186 -27.79 0.16 -9.59
C PRO D 186 -27.17 0.51 -8.23
N ASN D 187 -25.85 0.64 -8.16
CA ASN D 187 -25.25 1.29 -7.01
C ASN D 187 -25.31 2.79 -7.26
N GLN D 188 -24.74 3.58 -6.36
CA GLN D 188 -24.90 5.03 -6.47
C GLN D 188 -24.17 5.61 -7.67
N LYS D 189 -23.00 5.06 -7.97
CA LYS D 189 -22.25 5.48 -9.14
C LYS D 189 -23.04 5.18 -10.40
N GLU D 190 -23.61 3.98 -10.45
CA GLU D 190 -24.36 3.54 -11.62
C GLU D 190 -25.64 4.36 -11.80
N LEU D 191 -26.25 4.77 -10.69
CA LEU D 191 -27.47 5.57 -10.75
C LEU D 191 -27.12 6.94 -11.30
N SER D 192 -26.02 7.51 -10.80
CA SER D 192 -25.54 8.79 -11.27
C SER D 192 -25.21 8.74 -12.77
N ALA D 193 -24.56 7.67 -13.21
CA ALA D 193 -24.22 7.51 -14.62
C ALA D 193 -25.46 7.35 -15.47
N LEU D 194 -26.52 6.82 -14.85
CA LEU D 194 -27.78 6.57 -15.53
C LEU D 194 -28.49 7.88 -15.87
N VAL D 195 -28.65 8.74 -14.87
CA VAL D 195 -29.42 9.98 -15.02
C VAL D 195 -28.52 11.18 -15.32
N ASN D 196 -27.22 10.95 -15.47
CA ASN D 196 -26.28 12.01 -15.86
C ASN D 196 -26.28 13.19 -14.90
N ARG D 197 -26.31 12.91 -13.61
CA ARG D 197 -26.19 14.01 -12.66
C ARG D 197 -25.61 13.55 -11.33
N GLU D 198 -25.00 14.49 -10.63
CA GLU D 198 -24.43 14.24 -9.33
C GLU D 198 -25.57 14.15 -8.31
N LEU D 199 -25.54 13.10 -7.50
CA LEU D 199 -26.57 12.93 -6.48
C LEU D 199 -26.02 13.42 -5.15
N THR D 200 -26.12 14.73 -4.93
CA THR D 200 -25.46 15.39 -3.82
C THR D 200 -26.42 15.76 -2.68
N GLN D 201 -27.68 16.00 -3.02
CA GLN D 201 -28.67 16.39 -2.03
C GLN D 201 -29.25 15.17 -1.33
N PRO D 202 -29.73 15.33 -0.09
CA PRO D 202 -30.24 14.20 0.68
C PRO D 202 -31.27 13.38 -0.08
N ASP D 203 -32.13 14.05 -0.82
CA ASP D 203 -33.26 13.37 -1.47
C ASP D 203 -32.96 12.92 -2.91
N ASP D 204 -31.73 13.16 -3.37
CA ASP D 204 -31.40 12.97 -4.78
C ASP D 204 -31.51 11.52 -5.25
N VAL D 205 -31.03 10.59 -4.44
CA VAL D 205 -31.09 9.18 -4.79
C VAL D 205 -32.53 8.71 -4.95
N ARG D 206 -33.39 9.00 -3.96
CA ARG D 206 -34.78 8.58 -4.04
C ARG D 206 -35.46 9.17 -5.27
N LYS D 207 -35.24 10.46 -5.50
CA LYS D 207 -35.87 11.15 -6.62
C LYS D 207 -35.44 10.53 -7.95
N ALA D 208 -34.16 10.22 -8.06
CA ALA D 208 -33.65 9.62 -9.29
C ALA D 208 -34.29 8.25 -9.51
N ALA D 209 -34.32 7.44 -8.45
CA ALA D 209 -34.89 6.10 -8.54
C ALA D 209 -36.39 6.15 -8.86
N GLN D 210 -37.11 7.04 -8.17
CA GLN D 210 -38.54 7.16 -8.38
C GLN D 210 -38.88 7.62 -9.80
N GLU D 211 -38.03 8.49 -10.35
CA GLU D 211 -38.18 8.99 -11.71
C GLU D 211 -38.09 7.84 -12.73
N ILE D 212 -37.16 6.93 -12.49
CA ILE D 212 -36.99 5.76 -13.35
C ILE D 212 -38.23 4.87 -13.33
N VAL D 213 -38.80 4.66 -12.14
CA VAL D 213 -40.04 3.89 -12.02
C VAL D 213 -41.22 4.62 -12.67
N ASN D 214 -41.37 5.91 -12.35
CA ASN D 214 -42.51 6.69 -12.84
C ASN D 214 -42.59 6.78 -14.36
N SER D 215 -41.44 6.82 -15.01
CA SER D 215 -41.38 6.86 -16.47
C SER D 215 -41.62 5.49 -17.11
N GLY D 216 -41.80 4.47 -16.28
CA GLY D 216 -42.11 3.14 -16.75
C GLY D 216 -40.93 2.32 -17.25
N LYS D 217 -39.73 2.84 -17.05
CA LYS D 217 -38.51 2.12 -17.45
C LYS D 217 -38.38 0.83 -16.67
N ALA D 218 -38.59 0.92 -15.35
CA ALA D 218 -38.53 -0.26 -14.49
C ALA D 218 -39.68 -0.18 -13.49
N LYS D 219 -40.21 -1.34 -13.11
CA LYS D 219 -41.28 -1.40 -12.11
C LYS D 219 -40.74 -1.20 -10.70
N ARG D 220 -39.49 -1.59 -10.50
CA ARG D 220 -38.85 -1.51 -9.19
C ARG D 220 -37.40 -1.12 -9.37
N VAL D 221 -36.92 -0.22 -8.53
CA VAL D 221 -35.53 0.17 -8.52
C VAL D 221 -35.01 0.08 -7.09
N VAL D 222 -33.99 -0.74 -6.88
CA VAL D 222 -33.38 -0.87 -5.57
C VAL D 222 -31.95 -0.38 -5.66
N VAL D 223 -31.71 0.82 -5.14
CA VAL D 223 -30.38 1.40 -5.19
C VAL D 223 -29.52 0.80 -4.09
N SER D 224 -28.40 0.20 -4.47
CA SER D 224 -27.45 -0.37 -3.51
C SER D 224 -26.56 0.74 -2.97
N LEU D 225 -26.47 0.84 -1.65
CA LEU D 225 -25.82 1.97 -1.00
C LEU D 225 -24.64 1.54 -0.14
N GLY D 226 -24.07 0.38 -0.46
CA GLY D 226 -22.94 -0.15 0.30
C GLY D 226 -23.31 -0.40 1.75
N PRO D 227 -22.55 0.19 2.68
CA PRO D 227 -22.73 0.00 4.12
C PRO D 227 -24.07 0.56 4.59
N GLN D 228 -24.63 1.48 3.81
CA GLN D 228 -25.88 2.13 4.18
C GLN D 228 -27.09 1.33 3.71
N GLY D 229 -26.84 0.10 3.28
CA GLY D 229 -27.89 -0.81 2.88
C GLY D 229 -28.43 -0.57 1.47
N ALA D 230 -29.74 -0.44 1.38
CA ALA D 230 -30.40 -0.29 0.09
C ALA D 230 -31.65 0.57 0.19
N LEU D 231 -31.92 1.32 -0.88
CA LEU D 231 -33.14 2.10 -0.97
C LEU D 231 -33.93 1.60 -2.15
N GLY D 232 -35.12 1.08 -1.88
CA GLY D 232 -35.97 0.53 -2.94
C GLY D 232 -37.25 1.33 -3.09
N VAL D 233 -37.68 1.51 -4.33
CA VAL D 233 -38.91 2.22 -4.63
C VAL D 233 -39.65 1.47 -5.71
N ASP D 234 -40.98 1.45 -5.60
CA ASP D 234 -41.80 1.02 -6.73
C ASP D 234 -42.84 2.11 -6.94
N SER D 235 -43.96 1.78 -7.59
CA SER D 235 -44.95 2.80 -7.92
C SER D 235 -45.67 3.35 -6.69
N GLU D 236 -45.61 2.62 -5.58
CA GLU D 236 -46.39 2.98 -4.39
C GLU D 236 -45.57 3.21 -3.12
N ASN D 237 -44.53 2.41 -2.94
CA ASN D 237 -43.76 2.45 -1.70
C ASN D 237 -42.30 2.80 -1.90
N CYS D 238 -41.64 3.11 -0.79
CA CYS D 238 -40.25 3.49 -0.76
C CYS D 238 -39.70 3.07 0.59
N ILE D 239 -38.60 2.34 0.58
CA ILE D 239 -38.03 1.84 1.83
C ILE D 239 -36.52 1.77 1.78
N GLN D 240 -35.88 2.30 2.82
CA GLN D 240 -34.45 2.09 2.99
C GLN D 240 -34.21 1.13 4.14
N VAL D 241 -33.44 0.09 3.87
CA VAL D 241 -33.07 -0.90 4.87
C VAL D 241 -31.57 -0.83 5.08
N VAL D 242 -31.16 -0.74 6.35
CA VAL D 242 -29.75 -0.67 6.70
C VAL D 242 -29.37 -2.00 7.35
N PRO D 243 -28.25 -2.59 6.92
CA PRO D 243 -27.84 -3.88 7.51
C PRO D 243 -27.40 -3.69 8.95
N PRO D 244 -27.43 -4.75 9.76
CA PRO D 244 -26.99 -4.68 11.15
C PRO D 244 -25.48 -4.48 11.22
N PRO D 245 -24.99 -4.05 12.37
CA PRO D 245 -23.55 -3.84 12.55
C PRO D 245 -22.85 -5.16 12.86
N VAL D 246 -22.62 -5.97 11.83
CA VAL D 246 -21.96 -7.26 12.02
C VAL D 246 -20.55 -7.26 11.44
N LYS D 247 -19.94 -8.44 11.38
CA LYS D 247 -18.57 -8.59 10.88
C LYS D 247 -18.36 -7.96 9.51
N SER D 248 -17.41 -8.49 8.75
CA SER D 248 -17.14 -7.96 7.42
C SER D 248 -16.01 -8.68 6.69
N GLN D 249 -16.16 -9.99 6.51
CA GLN D 249 -15.16 -10.79 5.81
C GLN D 249 -14.91 -10.74 4.31
N SER D 250 -15.94 -10.68 3.47
CA SER D 250 -15.64 -10.65 2.02
C SER D 250 -16.72 -10.16 1.09
N THR D 251 -16.63 -8.88 0.77
CA THR D 251 -17.64 -7.94 0.23
C THR D 251 -18.20 -8.28 -1.14
N VAL D 252 -17.53 -9.19 -1.75
CA VAL D 252 -17.68 -9.59 -3.12
C VAL D 252 -18.99 -10.20 -3.61
N GLY D 253 -19.50 -11.20 -2.93
CA GLY D 253 -20.75 -11.85 -3.32
C GLY D 253 -22.02 -11.21 -2.79
N ALA D 254 -21.92 -9.98 -2.29
CA ALA D 254 -23.07 -9.31 -1.71
C ALA D 254 -24.12 -9.00 -2.79
N GLY D 255 -23.67 -8.44 -3.90
CA GLY D 255 -24.55 -8.02 -4.97
C GLY D 255 -25.41 -9.12 -5.55
N ASP D 256 -24.77 -10.18 -6.04
CA ASP D 256 -25.49 -11.29 -6.64
C ASP D 256 -26.39 -12.01 -5.63
N SER D 257 -25.96 -12.06 -4.38
CA SER D 257 -26.78 -12.65 -3.32
C SER D 257 -28.03 -11.81 -3.10
N MET D 258 -27.86 -10.50 -3.10
CA MET D 258 -28.98 -9.58 -2.93
C MET D 258 -30.00 -9.76 -4.05
N VAL D 259 -29.52 -9.78 -5.30
CA VAL D 259 -30.40 -9.97 -6.45
C VAL D 259 -31.12 -11.31 -6.37
N GLY D 260 -30.40 -12.35 -5.96
CA GLY D 260 -31.01 -13.65 -5.80
C GLY D 260 -32.11 -13.62 -4.76
N ALA D 261 -31.83 -13.01 -3.62
CA ALA D 261 -32.81 -12.94 -2.55
C ALA D 261 -34.06 -12.16 -2.96
N MET D 262 -33.84 -11.02 -3.62
CA MET D 262 -34.96 -10.20 -4.07
C MET D 262 -35.79 -10.90 -5.16
N THR D 263 -35.11 -11.59 -6.06
CA THR D 263 -35.80 -12.32 -7.11
C THR D 263 -36.66 -13.42 -6.50
N LEU D 264 -36.14 -14.08 -5.47
CA LEU D 264 -36.88 -15.13 -4.78
C LEU D 264 -38.18 -14.56 -4.20
N LYS D 265 -38.09 -13.40 -3.56
CA LYS D 265 -39.28 -12.77 -3.01
C LYS D 265 -40.21 -12.29 -4.13
N LEU D 266 -39.63 -11.74 -5.19
CA LEU D 266 -40.41 -11.31 -6.34
C LEU D 266 -41.23 -12.50 -6.87
N ALA D 267 -40.59 -13.66 -6.94
CA ALA D 267 -41.23 -14.88 -7.44
C ALA D 267 -42.41 -15.28 -6.55
N GLU D 268 -42.27 -15.01 -5.26
CA GLU D 268 -43.29 -15.36 -4.28
C GLU D 268 -44.33 -14.26 -4.17
N ASN D 269 -44.20 -13.25 -5.04
CA ASN D 269 -45.13 -12.12 -5.04
C ASN D 269 -45.15 -11.40 -3.69
N ALA D 270 -43.98 -11.22 -3.10
CA ALA D 270 -43.86 -10.55 -1.80
C ALA D 270 -44.00 -9.03 -1.92
N SER D 271 -44.05 -8.35 -0.78
CA SER D 271 -44.13 -6.89 -0.75
C SER D 271 -42.77 -6.31 -1.09
N LEU D 272 -42.77 -5.06 -1.55
CA LEU D 272 -41.52 -4.33 -1.76
C LEU D 272 -40.62 -4.39 -0.53
N GLU D 273 -41.22 -4.23 0.64
CA GLU D 273 -40.44 -4.17 1.88
C GLU D 273 -39.84 -5.53 2.26
N GLU D 274 -40.59 -6.60 2.05
CA GLU D 274 -40.05 -7.94 2.22
C GLU D 274 -38.88 -8.14 1.26
N MET D 275 -39.08 -7.75 0.03
CA MET D 275 -38.10 -7.93 -1.01
C MET D 275 -36.82 -7.23 -0.63
N VAL D 276 -36.91 -5.96 -0.28
CA VAL D 276 -35.73 -5.16 0.03
C VAL D 276 -35.02 -5.64 1.31
N ARG D 277 -35.81 -5.96 2.34
CA ARG D 277 -35.22 -6.49 3.56
C ARG D 277 -34.53 -7.83 3.35
N PHE D 278 -35.15 -8.71 2.59
CA PHE D 278 -34.56 -10.02 2.30
C PHE D 278 -33.28 -9.85 1.47
N GLY D 279 -33.31 -8.89 0.55
CA GLY D 279 -32.14 -8.59 -0.27
C GLY D 279 -30.97 -8.09 0.54
N VAL D 280 -31.24 -7.23 1.52
CA VAL D 280 -30.17 -6.67 2.34
C VAL D 280 -29.65 -7.73 3.31
N ALA D 281 -30.56 -8.54 3.84
CA ALA D 281 -30.17 -9.64 4.71
C ALA D 281 -29.21 -10.59 4.00
N ALA D 282 -29.55 -10.96 2.76
CA ALA D 282 -28.73 -11.89 1.99
C ALA D 282 -27.38 -11.29 1.61
N GLY D 283 -27.40 -10.03 1.15
CA GLY D 283 -26.16 -9.36 0.80
C GLY D 283 -25.24 -9.24 2.00
N SER D 284 -25.83 -8.97 3.16
CA SER D 284 -25.06 -8.86 4.39
C SER D 284 -24.53 -10.23 4.80
N ALA D 285 -25.39 -11.24 4.74
CA ALA D 285 -24.99 -12.60 5.05
C ALA D 285 -23.78 -13.01 4.20
N ALA D 286 -23.77 -12.58 2.95
CA ALA D 286 -22.70 -12.92 2.02
C ALA D 286 -21.35 -12.40 2.48
N THR D 287 -21.34 -11.23 3.13
CA THR D 287 -20.10 -10.62 3.56
C THR D 287 -19.46 -11.35 4.73
N LEU D 288 -20.22 -12.23 5.37
CA LEU D 288 -19.69 -13.04 6.48
C LEU D 288 -18.82 -14.19 5.99
N ASN D 289 -19.03 -14.61 4.74
CA ASN D 289 -18.27 -15.69 4.15
C ASN D 289 -17.15 -15.17 3.26
N GLN D 290 -16.45 -16.10 2.61
CA GLN D 290 -15.46 -15.72 1.60
C GLN D 290 -16.20 -15.23 0.35
N GLY D 291 -15.51 -14.45 -0.47
CA GLY D 291 -16.13 -13.77 -1.60
C GLY D 291 -16.99 -14.65 -2.48
N THR D 292 -16.46 -15.79 -2.83
CA THR D 292 -17.08 -16.75 -3.75
C THR D 292 -18.19 -17.59 -3.14
N ARG D 293 -18.29 -17.50 -1.83
CA ARG D 293 -19.38 -18.08 -1.13
C ARG D 293 -20.30 -16.92 -0.91
N LEU D 294 -21.52 -17.19 -1.29
CA LEU D 294 -22.62 -16.32 -1.25
C LEU D 294 -23.22 -16.45 0.11
N CYS D 295 -24.41 -15.95 0.26
CA CYS D 295 -25.16 -16.01 1.48
C CYS D 295 -25.52 -17.42 1.87
N SER D 296 -25.55 -17.70 3.15
CA SER D 296 -26.02 -18.99 3.62
C SER D 296 -27.44 -18.83 4.18
N HIS D 297 -28.20 -19.93 4.16
CA HIS D 297 -29.58 -19.89 4.61
C HIS D 297 -29.76 -19.37 6.05
N ASP D 298 -28.98 -19.94 6.97
CA ASP D 298 -29.13 -19.63 8.39
C ASP D 298 -28.79 -18.19 8.72
N ASP D 299 -27.70 -17.68 8.14
CA ASP D 299 -27.30 -16.30 8.39
C ASP D 299 -28.32 -15.33 7.81
N THR D 300 -28.76 -15.62 6.59
CA THR D 300 -29.75 -14.78 5.92
C THR D 300 -31.03 -14.71 6.75
N GLN D 301 -31.51 -15.84 7.23
CA GLN D 301 -32.73 -15.96 8.00
C GLN D 301 -32.64 -15.18 9.29
N LYS D 302 -31.51 -15.23 9.93
CA LYS D 302 -31.30 -14.56 11.21
C LYS D 302 -31.26 -13.05 11.03
N ILE D 303 -30.55 -12.58 10.01
CA ILE D 303 -30.45 -11.14 9.73
C ILE D 303 -31.81 -10.61 9.28
N TYR D 304 -32.52 -11.41 8.50
CA TYR D 304 -33.84 -11.03 8.00
C TYR D 304 -34.86 -10.88 9.13
N ALA D 305 -34.92 -11.86 10.02
CA ALA D 305 -35.80 -11.75 11.19
C ALA D 305 -35.45 -10.51 12.01
N TYR D 306 -34.16 -10.23 12.19
CA TYR D 306 -33.75 -9.02 12.89
C TYR D 306 -34.17 -7.74 12.16
N LEU D 307 -33.90 -7.67 10.86
CA LEU D 307 -34.25 -6.50 10.06
C LEU D 307 -35.76 -6.30 10.04
N SER D 308 -36.48 -7.39 10.27
CA SER D 308 -37.93 -7.35 10.16
C SER D 308 -38.64 -7.12 11.49
N ARG D 309 -37.89 -6.78 12.52
CA ARG D 309 -38.46 -6.54 13.84
C ARG D 309 -39.29 -5.26 13.85
O1 F6P E . 11.40 -18.19 -11.09
C1 F6P E . 10.35 -17.85 -11.93
C2 F6P E . 9.46 -19.12 -12.16
O2 F6P E . 9.88 -20.44 -11.72
C3 F6P E . 8.07 -18.96 -12.80
O3 F6P E . 7.98 -19.13 -14.18
C4 F6P E . 6.98 -19.33 -11.85
O4 F6P E . 5.61 -19.25 -12.12
C5 F6P E . 7.60 -19.24 -10.48
O5 F6P E . 9.01 -18.90 -10.74
C6 F6P E . 7.48 -20.56 -9.69
O6 F6P E . 8.01 -20.34 -8.40
P F6P E . 8.31 -21.59 -7.36
O1P F6P E . 9.36 -22.68 -8.02
O2P F6P E . 6.93 -22.39 -6.98
O3P F6P E . 8.92 -21.04 -6.15
O1 F6P F . -10.56 14.51 16.20
C1 F6P F . -9.83 15.46 15.48
C2 F6P F . -8.79 16.16 16.41
O2 F6P F . -8.87 16.08 17.85
C3 F6P F . -7.62 16.91 15.74
O3 F6P F . -7.81 18.26 15.42
C4 F6P F . -6.31 16.32 16.12
O4 F6P F . -5.05 16.72 15.63
C5 F6P F . -6.63 14.92 16.56
O5 F6P F . -8.09 14.82 16.43
C6 F6P F . -6.17 14.64 18.00
O6 F6P F . -6.51 13.32 18.32
P F6P F . -6.37 12.72 19.85
O1P F6P F . -7.35 13.52 20.90
O2P F6P F . -4.81 12.77 20.36
O3P F6P F . -6.75 11.30 19.84
O1 F6P G . 18.91 15.50 2.48
C1 F6P G . 18.23 15.33 3.68
C2 F6P G . 17.78 16.71 4.26
O2 F6P G . 18.18 17.96 3.65
C3 F6P G . 16.84 16.77 5.46
O3 F6P G . 17.40 16.80 6.74
C4 F6P G . 15.59 17.50 5.11
O4 F6P G . 14.51 17.73 5.98
C5 F6P G . 15.50 17.42 3.62
O5 F6P G . 16.66 16.61 3.27
C6 F6P G . 15.49 18.81 2.93
O6 F6P G . 15.22 18.60 1.57
P F6P G . 15.46 19.77 0.44
O1P F6P G . 15.39 19.08 -1.05
O2P F6P G . 16.93 20.46 0.64
O3P F6P G . 14.42 20.79 0.54
O1 F6P H . -20.14 -10.85 -9.29
C1 F6P H . -19.31 -11.92 -8.96
C2 F6P H . -19.10 -12.82 -10.21
O2 F6P H . -20.00 -12.78 -11.35
C3 F6P H . -17.88 -13.75 -10.26
O3 F6P H . -18.02 -15.06 -9.82
C4 F6P H . -16.94 -13.38 -11.34
O4 F6P H . -15.71 -14.01 -11.59
C5 F6P H . -17.27 -11.95 -11.67
O5 F6P H . -18.43 -11.63 -10.82
C6 F6P H . -17.59 -11.77 -13.16
O6 F6P H . -17.64 -10.39 -13.45
P F6P H . -18.39 -9.80 -14.80
O1P F6P H . -18.50 -8.16 -14.66
O2P F6P H . -19.91 -10.44 -14.91
O3P F6P H . -17.63 -10.14 -16.01
#